data_1JCS
#
_entry.id   1JCS
#
_cell.length_a   170.921
_cell.length_b   170.921
_cell.length_c   69.425
_cell.angle_alpha   90.00
_cell.angle_beta   90.00
_cell.angle_gamma   120.00
#
_symmetry.space_group_name_H-M   'P 61'
#
loop_
_entity.id
_entity.type
_entity.pdbx_description
1 polymer 'PROTEIN FARNESYLTRANSFERASE, ALPHA SUBUNIT'
2 polymer 'PROTEIN FARNESYLTRANSFERASE, BETA SUBUNIT'
3 polymer 'SYNTHETIC HEXAPEPTIDE TKCVFM'
4 non-polymer 'ZINC ION'
5 non-polymer '[(3,7,11-TRIMETHYL-DODECA-2,6,10-TRIENYLOXYCARBAMOYL)-METHYL]-PHOSPHONIC ACID'
6 non-polymer 'ACETIC ACID'
7 water water
#
loop_
_entity_poly.entity_id
_entity_poly.type
_entity_poly.pdbx_seq_one_letter_code
_entity_poly.pdbx_strand_id
1 'polypeptide(L)'
;MAATEGVGESAPGGEPGQPEQPPPPPPPPPAQQPQEEEMAAEAGEAAASPMDDGFLSLDSPTYVLYRDRAEWADIDPVPQ
NDGPSPVVQIIYSEKFRDVYDYFRAVLQRDERSERAFKLTRDAIELNAANYTVWHFRRVLLRSLQKDLQEEMNYIIAIIE
EQPKNYQVWHHRRVLVEWLKDPSQELEFIADILNQDAKNYHAWQHRQWVIQEFRLWDNELQYVDQLLKEDVRNNSVWNQR
HFVISNTTGYSDRAVLEREVQYTLEMIKLVPHNESAWNYLKGILQDRGLSRYPNLLNQLLDLQPSHSSPYLIAFLVDIYE
DMLENQCDNKEDILNKALELCEILAKEKDTIRKEYWRYIGRSLQSKHSRESDIPASV
;
A
2 'polypeptide(L)'
;MASSSSFTYYCPPSSSPVWSEPLYSLRPEHARERLQDDSVETVTSIEQAKVEEKIQEVFSSYKFNHLVPRLVLQREKHFH
YLKRGLRQLTDAYECLDASRPWLCYWILHSLELLDEPIPQIVATDVCQFLELCQSPDGGFGGGPGQYPHLAPTYAAVNAL
CIIGTEEAYNVINREKLLQYLYSLKQPDGSFLMHVGGEVDVRSAYCAASVASLTNIITPDLFEGTAEWIARCQNWEGGIG
GVPGMEAHGGYTFCGLAALVILKKERSLNLKSLLQWVTSRQMRFEGGFQGRCNKLVDGCYSFWQAGLLPLLHRALHAQGD
PALSMSHWMFHQQALQEYILMCCQCPAGGLLDKPGKSRDFYHTCYCLSGLSIAQHFGSGAMLHDVVMGVPENVLQPTHPV
YNIGPDKVIQATTHFLQKPVPGFEECEDAVTSDPATD
;
B
3 'polypeptide(L)' TKCVFM C
#
# COMPACT_ATOMS: atom_id res chain seq x y z
N PHE A 55 11.69 -3.76 36.18
CA PHE A 55 12.70 -4.61 36.88
C PHE A 55 14.01 -4.56 36.11
N LEU A 56 14.17 -5.42 35.10
CA LEU A 56 15.42 -5.44 34.35
C LEU A 56 15.26 -5.16 32.86
N SER A 57 15.45 -3.90 32.49
CA SER A 57 15.35 -3.46 31.11
C SER A 57 16.20 -4.28 30.13
N LEU A 58 15.63 -4.48 28.94
CA LEU A 58 16.26 -5.23 27.87
C LEU A 58 17.59 -4.60 27.46
N ASP A 59 17.77 -3.32 27.81
CA ASP A 59 19.00 -2.61 27.48
C ASP A 59 19.91 -2.19 28.63
N SER A 60 19.56 -2.59 29.87
CA SER A 60 20.42 -2.23 30.99
C SER A 60 21.73 -2.99 30.85
N PRO A 61 22.84 -2.35 31.24
CA PRO A 61 24.16 -2.98 31.14
C PRO A 61 24.27 -4.27 31.94
N THR A 62 23.41 -4.42 32.95
CA THR A 62 23.38 -5.59 33.84
C THR A 62 22.33 -6.64 33.48
N TYR A 63 21.71 -6.49 32.32
CA TYR A 63 20.69 -7.43 31.85
C TYR A 63 21.32 -8.82 31.77
N VAL A 64 20.56 -9.83 32.12
CA VAL A 64 21.04 -11.21 32.14
C VAL A 64 20.11 -12.11 31.32
N LEU A 65 20.64 -13.08 30.60
CA LEU A 65 19.81 -13.98 29.82
C LEU A 65 18.90 -14.73 30.78
N TYR A 66 17.70 -15.08 30.30
CA TYR A 66 16.75 -15.83 31.11
C TYR A 66 17.29 -17.17 31.58
N ARG A 67 18.10 -17.82 30.75
CA ARG A 67 18.65 -19.12 31.13
C ARG A 67 19.64 -19.00 32.30
N ASP A 68 19.99 -17.78 32.67
CA ASP A 68 20.91 -17.54 33.77
C ASP A 68 20.18 -16.87 34.93
N ARG A 69 18.84 -16.89 34.91
CA ARG A 69 18.04 -16.29 35.97
C ARG A 69 17.50 -17.37 36.92
N ALA A 70 17.82 -17.25 38.20
CA ALA A 70 17.41 -18.24 39.21
C ALA A 70 15.90 -18.48 39.22
N GLU A 71 15.13 -17.40 39.34
CA GLU A 71 13.67 -17.45 39.37
C GLU A 71 13.02 -18.08 38.12
N TRP A 72 13.83 -18.51 37.16
CA TRP A 72 13.35 -19.14 35.95
C TRP A 72 13.94 -20.54 35.82
N ALA A 73 14.59 -21.02 36.88
CA ALA A 73 15.24 -22.33 36.85
C ALA A 73 14.33 -23.55 36.67
N ASP A 74 13.08 -23.42 37.09
CA ASP A 74 12.11 -24.49 36.99
C ASP A 74 11.54 -24.75 35.59
N ILE A 75 11.66 -23.78 34.70
CA ILE A 75 11.13 -23.90 33.35
C ILE A 75 12.17 -24.33 32.32
N ASP A 76 11.79 -25.25 31.44
CA ASP A 76 12.67 -25.68 30.35
C ASP A 76 12.29 -24.85 29.12
N PRO A 77 13.26 -24.11 28.56
CA PRO A 77 12.98 -23.29 27.38
C PRO A 77 12.49 -24.20 26.25
N VAL A 78 11.69 -23.65 25.34
CA VAL A 78 11.20 -24.44 24.21
C VAL A 78 11.80 -23.88 22.93
N PRO A 79 12.77 -24.60 22.36
CA PRO A 79 13.46 -24.19 21.13
C PRO A 79 12.46 -24.07 19.98
N GLN A 80 12.78 -23.27 18.98
CA GLN A 80 11.89 -23.11 17.87
C GLN A 80 11.87 -24.34 16.97
N ASN A 81 10.68 -24.73 16.56
CA ASN A 81 10.52 -25.91 15.71
C ASN A 81 10.59 -25.52 14.22
N ASP A 82 11.80 -25.43 13.67
CA ASP A 82 11.93 -25.07 12.27
C ASP A 82 11.98 -26.25 11.31
N GLY A 83 12.07 -27.45 11.87
CA GLY A 83 12.12 -28.64 11.04
C GLY A 83 13.54 -29.11 10.79
N PRO A 84 13.71 -30.25 10.13
CA PRO A 84 15.00 -30.88 9.81
C PRO A 84 15.92 -29.99 8.97
N SER A 85 15.39 -29.39 7.90
CA SER A 85 16.18 -28.51 7.04
C SER A 85 15.44 -27.21 6.76
N PRO A 86 15.63 -26.21 7.63
CA PRO A 86 15.03 -24.87 7.59
C PRO A 86 15.19 -24.04 6.33
N VAL A 87 14.20 -23.19 6.10
CA VAL A 87 14.20 -22.23 4.99
C VAL A 87 13.95 -20.89 5.70
N VAL A 88 14.43 -19.80 5.09
CA VAL A 88 14.30 -18.45 5.66
C VAL A 88 14.60 -18.45 7.15
N GLN A 89 15.62 -19.21 7.54
CA GLN A 89 16.02 -19.32 8.93
C GLN A 89 16.79 -18.11 9.38
N ILE A 90 16.29 -17.44 10.42
CA ILE A 90 16.93 -16.24 10.93
C ILE A 90 18.01 -16.57 11.97
N ILE A 91 19.21 -16.08 11.79
CA ILE A 91 20.27 -16.35 12.75
C ILE A 91 20.13 -15.31 13.86
N TYR A 92 19.22 -15.60 14.79
CA TYR A 92 18.96 -14.68 15.89
C TYR A 92 20.16 -14.50 16.79
N SER A 93 20.19 -13.36 17.46
CA SER A 93 21.23 -13.05 18.42
C SER A 93 20.90 -13.89 19.67
N GLU A 94 21.83 -13.94 20.60
CA GLU A 94 21.64 -14.67 21.84
C GLU A 94 20.44 -14.17 22.63
N LYS A 95 20.41 -12.87 22.86
CA LYS A 95 19.34 -12.25 23.61
C LYS A 95 17.97 -12.60 23.05
N PHE A 96 17.83 -12.45 21.74
CA PHE A 96 16.57 -12.71 21.05
C PHE A 96 16.10 -14.13 21.23
N ARG A 97 16.96 -15.08 20.85
CA ARG A 97 16.63 -16.50 20.94
C ARG A 97 16.32 -16.93 22.36
N ASP A 98 17.07 -16.39 23.33
CA ASP A 98 16.87 -16.72 24.72
C ASP A 98 15.48 -16.27 25.20
N VAL A 99 15.13 -15.01 24.93
CA VAL A 99 13.83 -14.51 25.33
C VAL A 99 12.70 -15.33 24.67
N TYR A 100 12.81 -15.55 23.36
CA TYR A 100 11.78 -16.28 22.66
C TYR A 100 11.64 -17.75 23.03
N ASP A 101 12.73 -18.37 23.46
CA ASP A 101 12.68 -19.77 23.89
C ASP A 101 11.89 -19.83 25.18
N TYR A 102 12.04 -18.81 26.01
CA TYR A 102 11.30 -18.78 27.27
C TYR A 102 9.87 -18.36 27.03
N PHE A 103 9.64 -17.50 26.03
CA PHE A 103 8.28 -17.08 25.72
C PHE A 103 7.53 -18.32 25.24
N ARG A 104 8.16 -19.09 24.36
CA ARG A 104 7.54 -20.31 23.85
C ARG A 104 7.15 -21.24 25.00
N ALA A 105 8.01 -21.29 26.01
CA ALA A 105 7.77 -22.15 27.15
C ALA A 105 6.52 -21.73 27.91
N VAL A 106 6.41 -20.45 28.25
CA VAL A 106 5.25 -19.98 29.01
C VAL A 106 3.97 -20.04 28.20
N LEU A 107 4.07 -19.76 26.90
CA LEU A 107 2.91 -19.78 26.03
C LEU A 107 2.36 -21.21 25.94
N GLN A 108 3.27 -22.16 25.76
CA GLN A 108 2.89 -23.57 25.67
C GLN A 108 2.23 -24.08 26.95
N ARG A 109 2.73 -23.65 28.10
CA ARG A 109 2.19 -24.06 29.40
C ARG A 109 0.98 -23.22 29.74
N ASP A 110 0.80 -22.11 29.03
CA ASP A 110 -0.26 -21.16 29.30
C ASP A 110 -0.09 -20.67 30.74
N GLU A 111 1.16 -20.39 31.12
CA GLU A 111 1.47 -19.91 32.45
C GLU A 111 1.06 -18.45 32.54
N ARG A 112 0.01 -18.17 33.31
CA ARG A 112 -0.48 -16.82 33.45
C ARG A 112 0.05 -16.24 34.74
N SER A 113 1.34 -15.87 34.72
CA SER A 113 2.03 -15.33 35.88
C SER A 113 2.63 -13.96 35.66
N GLU A 114 3.07 -13.38 36.77
CA GLU A 114 3.69 -12.08 36.78
C GLU A 114 5.01 -12.16 36.00
N ARG A 115 5.79 -13.22 36.20
CA ARG A 115 7.06 -13.35 35.49
C ARG A 115 6.82 -13.49 34.00
N ALA A 116 5.74 -14.19 33.63
CA ALA A 116 5.40 -14.35 32.20
C ALA A 116 5.05 -12.97 31.66
N PHE A 117 4.35 -12.18 32.45
CA PHE A 117 3.94 -10.84 32.06
C PHE A 117 5.16 -9.99 31.76
N LYS A 118 6.11 -9.96 32.70
CA LYS A 118 7.34 -9.20 32.52
C LYS A 118 8.12 -9.69 31.30
N LEU A 119 8.07 -10.98 31.03
CA LEU A 119 8.77 -11.56 29.89
C LEU A 119 8.23 -11.03 28.54
N THR A 120 6.91 -10.85 28.43
CA THR A 120 6.32 -10.35 27.18
C THR A 120 6.82 -8.95 26.86
N ARG A 121 7.11 -8.14 27.89
CA ARG A 121 7.63 -6.80 27.65
C ARG A 121 8.97 -6.94 26.90
N ASP A 122 9.80 -7.90 27.31
CA ASP A 122 11.08 -8.12 26.64
C ASP A 122 10.91 -8.69 25.24
N ALA A 123 9.96 -9.61 25.09
CA ALA A 123 9.69 -10.22 23.78
C ALA A 123 9.21 -9.14 22.82
N ILE A 124 8.43 -8.20 23.35
CA ILE A 124 7.89 -7.12 22.54
C ILE A 124 8.98 -6.15 22.13
N GLU A 125 9.85 -5.78 23.06
CA GLU A 125 10.90 -4.85 22.69
C GLU A 125 11.82 -5.48 21.64
N LEU A 126 12.01 -6.80 21.69
CA LEU A 126 12.84 -7.48 20.70
C LEU A 126 12.19 -7.52 19.31
N ASN A 127 10.87 -7.63 19.27
CA ASN A 127 10.14 -7.63 17.99
C ASN A 127 8.71 -7.22 18.29
N ALA A 128 8.47 -5.91 18.27
CA ALA A 128 7.16 -5.34 18.56
C ALA A 128 6.10 -5.75 17.55
N ALA A 129 6.51 -6.37 16.45
CA ALA A 129 5.57 -6.83 15.43
C ALA A 129 5.07 -8.24 15.73
N ASN A 130 5.56 -8.86 16.79
CA ASN A 130 5.11 -10.20 17.10
C ASN A 130 3.70 -10.18 17.69
N TYR A 131 2.69 -10.30 16.83
CA TYR A 131 1.31 -10.26 17.29
C TYR A 131 0.92 -11.36 18.30
N THR A 132 1.56 -12.54 18.21
CA THR A 132 1.27 -13.63 19.14
C THR A 132 1.62 -13.22 20.57
N VAL A 133 2.74 -12.50 20.73
CA VAL A 133 3.16 -12.04 22.05
C VAL A 133 2.17 -11.00 22.59
N TRP A 134 1.74 -10.09 21.74
CA TRP A 134 0.75 -9.08 22.15
C TRP A 134 -0.55 -9.74 22.64
N HIS A 135 -0.98 -10.78 21.93
CA HIS A 135 -2.21 -11.47 22.31
C HIS A 135 -2.05 -12.09 23.71
N PHE A 136 -0.94 -12.77 23.92
CA PHE A 136 -0.69 -13.39 25.20
C PHE A 136 -0.59 -12.32 26.28
N ARG A 137 -0.01 -11.17 25.96
CA ARG A 137 0.09 -10.12 26.95
C ARG A 137 -1.28 -9.63 27.36
N ARG A 138 -2.22 -9.54 26.41
CA ARG A 138 -3.56 -9.08 26.74
C ARG A 138 -4.27 -10.14 27.57
N VAL A 139 -3.96 -11.40 27.33
CA VAL A 139 -4.55 -12.48 28.15
C VAL A 139 -4.08 -12.27 29.58
N LEU A 140 -2.79 -11.99 29.75
CA LEU A 140 -2.20 -11.78 31.07
C LEU A 140 -2.73 -10.51 31.77
N LEU A 141 -3.00 -9.46 31.00
CA LEU A 141 -3.52 -8.23 31.58
C LEU A 141 -4.88 -8.50 32.25
N ARG A 142 -5.69 -9.34 31.63
CA ARG A 142 -7.00 -9.68 32.18
C ARG A 142 -6.89 -10.69 33.33
N SER A 143 -6.24 -11.83 33.11
CA SER A 143 -6.09 -12.84 34.16
C SER A 143 -5.44 -12.31 35.43
N LEU A 144 -4.37 -11.55 35.29
CA LEU A 144 -3.68 -11.02 36.45
C LEU A 144 -4.31 -9.76 36.99
N GLN A 145 -5.38 -9.28 36.39
CA GLN A 145 -6.04 -8.06 36.84
C GLN A 145 -5.02 -6.93 37.01
N LYS A 146 -4.22 -6.71 35.97
CA LYS A 146 -3.21 -5.66 36.00
C LYS A 146 -3.84 -4.27 35.81
N ASP A 147 -3.29 -3.29 36.50
CA ASP A 147 -3.74 -1.90 36.41
C ASP A 147 -3.60 -1.43 34.96
N LEU A 148 -4.72 -1.14 34.31
CA LEU A 148 -4.71 -0.69 32.92
C LEU A 148 -4.13 0.72 32.68
N GLN A 149 -4.10 1.59 33.68
CA GLN A 149 -3.50 2.92 33.49
C GLN A 149 -1.99 2.80 33.47
N GLU A 150 -1.48 1.84 34.23
CA GLU A 150 -0.06 1.58 34.27
C GLU A 150 0.27 1.04 32.87
N GLU A 151 -0.62 0.20 32.34
CA GLU A 151 -0.42 -0.36 31.00
C GLU A 151 -0.51 0.74 29.93
N MET A 152 -1.36 1.75 30.16
CA MET A 152 -1.45 2.86 29.23
C MET A 152 -0.11 3.58 29.22
N ASN A 153 0.49 3.77 30.40
CA ASN A 153 1.80 4.44 30.48
C ASN A 153 2.81 3.67 29.66
N TYR A 154 2.77 2.35 29.77
CA TYR A 154 3.67 1.50 29.01
C TYR A 154 3.44 1.65 27.49
N ILE A 155 2.21 1.54 27.02
CA ILE A 155 1.96 1.63 25.59
C ILE A 155 2.33 3.01 25.03
N ILE A 156 2.13 4.08 25.81
CA ILE A 156 2.50 5.38 25.26
C ILE A 156 4.02 5.48 25.06
N ALA A 157 4.79 4.83 25.93
CA ALA A 157 6.26 4.86 25.82
C ALA A 157 6.70 4.05 24.60
N ILE A 158 6.13 2.87 24.43
CA ILE A 158 6.44 1.99 23.31
C ILE A 158 6.11 2.64 21.96
N ILE A 159 4.94 3.24 21.87
CA ILE A 159 4.51 3.89 20.64
C ILE A 159 5.45 5.06 20.36
N GLU A 160 5.87 5.76 21.40
CA GLU A 160 6.80 6.87 21.20
C GLU A 160 8.06 6.37 20.50
N GLU A 161 8.55 5.18 20.87
CA GLU A 161 9.75 4.64 20.25
C GLU A 161 9.55 3.87 18.93
N GLN A 162 8.38 3.27 18.72
CA GLN A 162 8.09 2.53 17.47
C GLN A 162 6.69 2.87 17.00
N PRO A 163 6.48 4.12 16.56
CA PRO A 163 5.18 4.62 16.10
C PRO A 163 4.62 4.12 14.78
N LYS A 164 5.42 3.39 13.99
CA LYS A 164 4.95 2.91 12.70
C LYS A 164 4.67 1.42 12.73
N ASN A 165 4.13 0.97 13.85
CA ASN A 165 3.83 -0.44 14.06
C ASN A 165 2.32 -0.62 14.25
N TYR A 166 1.76 -1.67 13.66
CA TYR A 166 0.33 -1.93 13.78
C TYR A 166 -0.11 -2.39 15.17
N GLN A 167 0.66 -3.33 15.74
CA GLN A 167 0.32 -3.92 17.03
C GLN A 167 0.25 -2.94 18.18
N VAL A 168 1.15 -1.96 18.23
CA VAL A 168 1.16 -1.00 19.31
C VAL A 168 -0.10 -0.13 19.32
N TRP A 169 -0.55 0.28 18.14
CA TRP A 169 -1.74 1.12 18.08
C TRP A 169 -2.99 0.29 18.38
N HIS A 170 -3.02 -0.95 17.90
CA HIS A 170 -4.18 -1.77 18.18
C HIS A 170 -4.29 -2.04 19.68
N HIS A 171 -3.15 -2.24 20.33
CA HIS A 171 -3.12 -2.49 21.77
C HIS A 171 -3.64 -1.25 22.53
N ARG A 172 -3.19 -0.08 22.12
CA ARG A 172 -3.64 1.14 22.79
C ARG A 172 -5.16 1.28 22.65
N ARG A 173 -5.69 0.93 21.49
CA ARG A 173 -7.11 1.00 21.22
C ARG A 173 -7.89 0.07 22.16
N VAL A 174 -7.42 -1.16 22.29
CA VAL A 174 -8.07 -2.11 23.17
C VAL A 174 -8.08 -1.57 24.61
N LEU A 175 -6.98 -0.94 25.03
CA LEU A 175 -6.88 -0.39 26.38
C LEU A 175 -7.92 0.69 26.59
N VAL A 176 -8.04 1.60 25.60
CA VAL A 176 -9.02 2.69 25.64
C VAL A 176 -10.43 2.11 25.71
N GLU A 177 -10.70 1.11 24.89
CA GLU A 177 -12.01 0.45 24.88
C GLU A 177 -12.29 -0.16 26.23
N TRP A 178 -11.32 -0.87 26.79
CA TRP A 178 -11.48 -1.50 28.09
C TRP A 178 -11.77 -0.50 29.18
N LEU A 179 -11.00 0.58 29.21
CA LEU A 179 -11.16 1.64 30.22
C LEU A 179 -12.30 2.59 29.92
N LYS A 180 -12.77 2.60 28.67
CA LYS A 180 -13.82 3.50 28.21
C LYS A 180 -13.41 4.93 28.59
N ASP A 181 -12.13 5.22 28.37
CA ASP A 181 -11.58 6.54 28.70
C ASP A 181 -10.69 7.08 27.60
N PRO A 182 -11.15 8.12 26.88
CA PRO A 182 -10.41 8.73 25.79
C PRO A 182 -9.70 10.02 26.20
N SER A 183 -9.73 10.32 27.49
CA SER A 183 -9.16 11.56 28.00
C SER A 183 -7.72 11.88 27.66
N GLN A 184 -6.90 10.86 27.42
CA GLN A 184 -5.49 11.10 27.09
C GLN A 184 -5.16 11.05 25.61
N GLU A 185 -6.12 10.60 24.80
CA GLU A 185 -5.88 10.39 23.37
C GLU A 185 -5.46 11.52 22.44
N LEU A 186 -6.30 12.53 22.30
CA LEU A 186 -5.98 13.64 21.41
C LEU A 186 -4.64 14.29 21.71
N GLU A 187 -4.29 14.41 22.98
CA GLU A 187 -3.02 15.01 23.34
C GLU A 187 -1.86 14.06 23.06
N PHE A 188 -2.04 12.77 23.31
CA PHE A 188 -0.99 11.81 23.04
C PHE A 188 -0.70 11.79 21.54
N ILE A 189 -1.75 11.56 20.76
CA ILE A 189 -1.64 11.52 19.29
C ILE A 189 -1.00 12.81 18.76
N ALA A 190 -1.43 13.96 19.27
CA ALA A 190 -0.87 15.26 18.87
C ALA A 190 0.64 15.24 19.07
N ASP A 191 1.10 14.60 20.14
CA ASP A 191 2.54 14.52 20.36
C ASP A 191 3.24 13.66 19.31
N ILE A 192 2.63 12.54 18.94
CA ILE A 192 3.23 11.67 17.92
C ILE A 192 3.23 12.43 16.59
N LEU A 193 2.11 13.08 16.27
CA LEU A 193 1.95 13.85 15.03
C LEU A 193 2.91 15.04 14.98
N ASN A 194 3.40 15.45 16.15
CA ASN A 194 4.34 16.54 16.20
C ASN A 194 5.71 16.07 15.73
N GLN A 195 5.93 14.76 15.78
CA GLN A 195 7.20 14.18 15.33
C GLN A 195 7.12 13.70 13.88
N ASP A 196 5.95 13.21 13.48
CA ASP A 196 5.69 12.75 12.11
C ASP A 196 4.24 13.13 11.87
N ALA A 197 4.04 14.27 11.21
CA ALA A 197 2.72 14.79 10.95
C ALA A 197 1.91 13.97 9.97
N LYS A 198 2.54 12.94 9.42
CA LYS A 198 1.86 12.09 8.45
C LYS A 198 1.75 10.64 8.88
N ASN A 199 1.98 10.37 10.16
CA ASN A 199 1.90 9.00 10.65
C ASN A 199 0.48 8.45 10.45
N TYR A 200 0.34 7.53 9.51
CA TYR A 200 -0.94 6.94 9.17
C TYR A 200 -1.69 6.29 10.31
N HIS A 201 -1.00 5.50 11.13
CA HIS A 201 -1.64 4.81 12.26
C HIS A 201 -2.17 5.83 13.27
N ALA A 202 -1.39 6.89 13.48
CA ALA A 202 -1.75 7.94 14.42
C ALA A 202 -3.02 8.62 13.98
N TRP A 203 -3.09 8.99 12.70
CA TRP A 203 -4.29 9.64 12.17
C TRP A 203 -5.51 8.73 12.22
N GLN A 204 -5.29 7.44 11.95
CA GLN A 204 -6.36 6.46 11.97
C GLN A 204 -6.90 6.24 13.39
N HIS A 205 -6.01 6.21 14.37
CA HIS A 205 -6.39 6.06 15.75
C HIS A 205 -7.17 7.32 16.17
N ARG A 206 -6.68 8.49 15.72
CA ARG A 206 -7.31 9.77 16.01
C ARG A 206 -8.76 9.82 15.49
N GLN A 207 -8.98 9.33 14.28
CA GLN A 207 -10.32 9.31 13.73
C GLN A 207 -11.19 8.37 14.55
N TRP A 208 -10.65 7.22 14.95
CA TRP A 208 -11.42 6.27 15.73
C TRP A 208 -11.86 6.89 17.06
N VAL A 209 -10.90 7.48 17.76
CA VAL A 209 -11.19 8.11 19.05
C VAL A 209 -12.27 9.19 18.89
N ILE A 210 -12.03 10.14 18.00
CA ILE A 210 -12.96 11.22 17.75
C ILE A 210 -14.38 10.73 17.41
N GLN A 211 -14.47 9.77 16.52
CA GLN A 211 -15.76 9.23 16.13
C GLN A 211 -16.46 8.47 17.24
N GLU A 212 -15.77 7.49 17.83
CA GLU A 212 -16.35 6.68 18.90
C GLU A 212 -16.76 7.43 20.16
N PHE A 213 -16.06 8.52 20.46
CA PHE A 213 -16.35 9.29 21.67
C PHE A 213 -16.93 10.68 21.39
N ARG A 214 -17.27 10.94 20.13
CA ARG A 214 -17.86 12.21 19.72
C ARG A 214 -17.02 13.38 20.22
N LEU A 215 -15.73 13.40 19.89
CA LEU A 215 -14.85 14.50 20.31
C LEU A 215 -14.51 15.41 19.14
N TRP A 216 -15.55 15.90 18.47
CA TRP A 216 -15.42 16.75 17.29
C TRP A 216 -15.13 18.24 17.53
N ASP A 217 -15.51 18.73 18.69
CA ASP A 217 -15.37 20.15 19.06
C ASP A 217 -14.12 20.95 18.70
N ASN A 218 -12.94 20.39 18.92
CA ASN A 218 -11.72 21.14 18.63
C ASN A 218 -10.88 20.67 17.46
N GLU A 219 -11.34 19.66 16.72
CA GLU A 219 -10.56 19.12 15.62
C GLU A 219 -10.31 20.02 14.42
N LEU A 220 -11.30 20.82 14.02
CA LEU A 220 -11.10 21.71 12.90
C LEU A 220 -10.04 22.73 13.28
N GLN A 221 -10.04 23.13 14.55
CA GLN A 221 -9.05 24.07 15.01
C GLN A 221 -7.66 23.41 14.89
N TYR A 222 -7.57 22.13 15.28
CA TYR A 222 -6.32 21.39 15.19
C TYR A 222 -5.86 21.28 13.74
N VAL A 223 -6.80 20.99 12.85
CA VAL A 223 -6.51 20.88 11.42
C VAL A 223 -5.97 22.20 10.89
N ASP A 224 -6.59 23.31 11.30
CA ASP A 224 -6.16 24.62 10.84
C ASP A 224 -4.73 24.91 11.26
N GLN A 225 -4.39 24.51 12.48
CA GLN A 225 -3.06 24.70 13.03
C GLN A 225 -2.02 23.92 12.20
N LEU A 226 -2.30 22.65 11.91
CA LEU A 226 -1.36 21.85 11.14
C LEU A 226 -1.24 22.32 9.70
N LEU A 227 -2.34 22.78 9.12
CA LEU A 227 -2.31 23.27 7.74
C LEU A 227 -1.45 24.54 7.68
N LYS A 228 -1.41 25.26 8.80
CA LYS A 228 -0.60 26.47 8.87
C LYS A 228 0.88 26.05 8.85
N GLU A 229 1.20 25.01 9.60
CA GLU A 229 2.58 24.50 9.67
C GLU A 229 3.04 23.96 8.32
N ASP A 230 2.21 23.13 7.69
CA ASP A 230 2.55 22.55 6.39
C ASP A 230 1.26 22.39 5.59
N VAL A 231 0.97 23.38 4.76
CA VAL A 231 -0.23 23.38 3.93
C VAL A 231 -0.21 22.25 2.90
N ARG A 232 0.94 21.59 2.75
CA ARG A 232 1.08 20.49 1.80
C ARG A 232 0.80 19.13 2.46
N ASN A 233 0.41 19.14 3.73
CA ASN A 233 0.16 17.87 4.44
C ASN A 233 -1.19 17.27 4.06
N ASN A 234 -1.13 16.28 3.20
CA ASN A 234 -2.34 15.63 2.70
C ASN A 234 -3.12 14.94 3.81
N SER A 235 -2.43 14.48 4.85
CA SER A 235 -3.10 13.81 5.95
C SER A 235 -4.03 14.80 6.65
N VAL A 236 -3.60 16.06 6.69
CA VAL A 236 -4.38 17.12 7.33
C VAL A 236 -5.59 17.51 6.49
N TRP A 237 -5.43 17.53 5.17
CA TRP A 237 -6.56 17.84 4.28
C TRP A 237 -7.58 16.71 4.39
N ASN A 238 -7.10 15.48 4.50
CA ASN A 238 -8.00 14.36 4.66
C ASN A 238 -8.74 14.48 5.99
N GLN A 239 -8.03 14.89 7.03
CA GLN A 239 -8.66 15.04 8.35
C GLN A 239 -9.70 16.17 8.30
N ARG A 240 -9.37 17.22 7.55
CA ARG A 240 -10.27 18.35 7.40
C ARG A 240 -11.59 17.86 6.81
N HIS A 241 -11.49 17.00 5.81
CA HIS A 241 -12.68 16.47 5.15
C HIS A 241 -13.45 15.56 6.10
N PHE A 242 -12.72 14.78 6.90
CA PHE A 242 -13.31 13.86 7.86
C PHE A 242 -14.16 14.64 8.87
N VAL A 243 -13.58 15.68 9.44
CA VAL A 243 -14.28 16.51 10.42
C VAL A 243 -15.55 17.14 9.85
N ILE A 244 -15.40 17.83 8.71
CA ILE A 244 -16.54 18.49 8.09
C ILE A 244 -17.65 17.57 7.66
N SER A 245 -17.34 16.47 6.97
CA SER A 245 -18.39 15.57 6.55
C SER A 245 -19.14 14.93 7.72
N ASN A 246 -18.52 14.82 8.89
CA ASN A 246 -19.20 14.20 10.01
C ASN A 246 -19.85 15.17 10.98
N THR A 247 -19.67 16.46 10.72
CA THR A 247 -20.28 17.46 11.57
C THR A 247 -21.37 18.21 10.80
N THR A 248 -21.00 19.25 10.07
CA THR A 248 -21.96 20.05 9.32
C THR A 248 -22.32 19.46 7.97
N GLY A 249 -21.42 18.66 7.41
CA GLY A 249 -21.66 18.12 6.10
C GLY A 249 -21.29 19.23 5.12
N TYR A 250 -21.24 18.92 3.83
CA TYR A 250 -20.89 19.88 2.80
C TYR A 250 -22.09 20.45 2.04
N SER A 251 -23.30 19.96 2.33
CA SER A 251 -24.51 20.43 1.65
C SER A 251 -24.88 21.83 2.11
N ASP A 252 -24.60 22.12 3.38
CA ASP A 252 -24.85 23.42 3.93
C ASP A 252 -24.06 24.43 3.07
N ARG A 253 -24.78 25.19 2.26
CA ARG A 253 -24.17 26.16 1.36
C ARG A 253 -23.17 27.10 2.00
N ALA A 254 -23.41 27.51 3.24
CA ALA A 254 -22.47 28.40 3.89
C ALA A 254 -21.13 27.70 4.12
N VAL A 255 -21.18 26.43 4.53
CA VAL A 255 -19.97 25.65 4.79
C VAL A 255 -19.19 25.41 3.49
N LEU A 256 -19.87 24.87 2.47
CA LEU A 256 -19.24 24.63 1.17
C LEU A 256 -18.57 25.90 0.63
N GLU A 257 -19.28 27.02 0.68
CA GLU A 257 -18.76 28.30 0.21
C GLU A 257 -17.47 28.62 0.94
N ARG A 258 -17.52 28.54 2.26
CA ARG A 258 -16.37 28.82 3.13
C ARG A 258 -15.17 27.97 2.76
N GLU A 259 -15.44 26.69 2.53
CA GLU A 259 -14.39 25.74 2.20
C GLU A 259 -13.71 26.05 0.89
N VAL A 260 -14.52 26.36 -0.11
CA VAL A 260 -13.99 26.70 -1.41
C VAL A 260 -13.20 28.00 -1.37
N GLN A 261 -13.70 29.00 -0.63
CA GLN A 261 -12.98 30.28 -0.53
C GLN A 261 -11.60 29.99 0.07
N TYR A 262 -11.59 29.21 1.15
CA TYR A 262 -10.36 28.84 1.83
C TYR A 262 -9.38 28.09 0.92
N THR A 263 -9.88 27.09 0.21
CA THR A 263 -9.04 26.29 -0.68
C THR A 263 -8.46 27.13 -1.82
N LEU A 264 -9.29 27.96 -2.46
CA LEU A 264 -8.83 28.81 -3.55
C LEU A 264 -7.78 29.78 -3.02
N GLU A 265 -7.96 30.23 -1.79
CA GLU A 265 -7.00 31.14 -1.18
C GLU A 265 -5.65 30.44 -0.98
N MET A 266 -5.69 29.17 -0.57
CA MET A 266 -4.47 28.39 -0.35
C MET A 266 -3.82 28.10 -1.70
N ILE A 267 -4.64 27.84 -2.71
CA ILE A 267 -4.14 27.59 -4.05
C ILE A 267 -3.39 28.83 -4.55
N LYS A 268 -3.88 30.01 -4.20
CA LYS A 268 -3.22 31.23 -4.63
C LYS A 268 -1.86 31.39 -3.96
N LEU A 269 -1.76 31.03 -2.68
CA LEU A 269 -0.50 31.15 -1.95
C LEU A 269 0.55 30.12 -2.39
N VAL A 270 0.11 28.94 -2.80
CA VAL A 270 1.00 27.86 -3.23
C VAL A 270 0.31 27.13 -4.38
N PRO A 271 0.27 27.74 -5.58
CA PRO A 271 -0.36 27.18 -6.77
C PRO A 271 0.01 25.76 -7.19
N HIS A 272 1.16 25.28 -6.74
CA HIS A 272 1.61 23.93 -7.10
C HIS A 272 1.36 22.86 -6.03
N ASN A 273 0.72 23.23 -4.94
CA ASN A 273 0.43 22.27 -3.90
C ASN A 273 -0.75 21.39 -4.36
N GLU A 274 -0.46 20.18 -4.79
CA GLU A 274 -1.49 19.27 -5.28
C GLU A 274 -2.63 18.93 -4.28
N SER A 275 -2.37 19.00 -2.99
CA SER A 275 -3.41 18.67 -2.00
C SER A 275 -4.63 19.60 -2.06
N ALA A 276 -4.38 20.91 -2.11
CA ALA A 276 -5.45 21.90 -2.17
C ALA A 276 -6.28 21.65 -3.41
N TRP A 277 -5.62 21.35 -4.52
CA TRP A 277 -6.33 21.06 -5.76
C TRP A 277 -7.22 19.84 -5.64
N ASN A 278 -6.70 18.77 -5.05
CA ASN A 278 -7.48 17.54 -4.87
C ASN A 278 -8.65 17.75 -3.90
N TYR A 279 -8.46 18.60 -2.89
CA TYR A 279 -9.52 18.86 -1.93
C TYR A 279 -10.67 19.60 -2.61
N LEU A 280 -10.35 20.68 -3.35
CA LEU A 280 -11.33 21.46 -4.10
C LEU A 280 -12.15 20.57 -5.02
N LYS A 281 -11.47 19.71 -5.79
CA LYS A 281 -12.17 18.81 -6.68
C LYS A 281 -12.97 17.80 -5.85
N GLY A 282 -12.37 17.34 -4.76
CA GLY A 282 -13.03 16.37 -3.90
C GLY A 282 -14.36 16.82 -3.36
N ILE A 283 -14.43 18.05 -2.86
CA ILE A 283 -15.66 18.56 -2.29
C ILE A 283 -16.71 19.05 -3.29
N LEU A 284 -16.32 19.23 -4.54
CA LEU A 284 -17.28 19.71 -5.56
C LEU A 284 -17.72 18.66 -6.56
N GLN A 285 -16.85 17.69 -6.81
CA GLN A 285 -17.14 16.67 -7.81
C GLN A 285 -18.37 15.82 -7.66
N ASP A 286 -18.79 15.56 -6.42
CA ASP A 286 -19.97 14.72 -6.26
C ASP A 286 -21.27 15.35 -6.75
N ARG A 287 -21.41 16.66 -6.52
CA ARG A 287 -22.60 17.37 -6.98
C ARG A 287 -22.48 17.65 -8.48
N GLY A 288 -21.26 17.76 -8.96
CA GLY A 288 -21.02 18.01 -10.37
C GLY A 288 -20.27 19.32 -10.53
N LEU A 289 -19.12 19.31 -11.20
CA LEU A 289 -18.36 20.55 -11.36
C LEU A 289 -19.13 21.60 -12.19
N SER A 290 -19.92 21.13 -13.16
CA SER A 290 -20.70 22.01 -14.01
C SER A 290 -21.82 22.74 -13.23
N ARG A 291 -22.17 22.20 -12.07
CA ARG A 291 -23.21 22.79 -11.22
C ARG A 291 -22.78 24.17 -10.71
N TYR A 292 -21.47 24.44 -10.75
CA TYR A 292 -20.92 25.71 -10.29
C TYR A 292 -20.30 26.50 -11.45
N PRO A 293 -21.14 27.26 -12.19
CA PRO A 293 -20.73 28.06 -13.35
C PRO A 293 -19.62 29.08 -13.15
N ASN A 294 -19.54 29.69 -11.97
CA ASN A 294 -18.50 30.70 -11.68
C ASN A 294 -17.11 30.12 -11.51
N LEU A 295 -17.05 28.84 -11.17
CA LEU A 295 -15.80 28.15 -10.96
C LEU A 295 -14.85 28.30 -12.15
N LEU A 296 -15.32 27.88 -13.32
CA LEU A 296 -14.56 27.95 -14.55
C LEU A 296 -13.95 29.33 -14.77
N ASN A 297 -14.81 30.34 -14.82
CA ASN A 297 -14.37 31.72 -15.05
C ASN A 297 -13.27 32.09 -14.07
N GLN A 298 -13.48 31.79 -12.79
CA GLN A 298 -12.51 32.12 -11.76
C GLN A 298 -11.18 31.38 -11.88
N LEU A 299 -11.19 30.14 -12.35
CA LEU A 299 -9.94 29.38 -12.51
C LEU A 299 -9.14 29.98 -13.64
N LEU A 300 -9.85 30.31 -14.71
CA LEU A 300 -9.21 30.92 -15.88
C LEU A 300 -8.48 32.18 -15.45
N ASP A 301 -9.05 32.91 -14.49
CA ASP A 301 -8.42 34.14 -13.99
C ASP A 301 -7.09 33.90 -13.28
N LEU A 302 -6.80 32.65 -12.97
CA LEU A 302 -5.54 32.31 -12.32
C LEU A 302 -4.51 31.83 -13.34
N GLN A 303 -4.96 31.49 -14.55
CA GLN A 303 -4.08 31.02 -15.64
C GLN A 303 -2.78 31.80 -15.81
N PRO A 304 -2.84 33.15 -15.76
CA PRO A 304 -1.61 33.94 -15.92
C PRO A 304 -0.55 33.67 -14.86
N SER A 305 -0.70 34.31 -13.71
CA SER A 305 0.28 34.19 -12.62
C SER A 305 0.10 33.03 -11.61
N HIS A 306 -0.72 32.04 -11.93
CA HIS A 306 -0.95 30.92 -11.02
C HIS A 306 -1.19 29.60 -11.76
N SER A 307 -0.71 29.51 -13.00
CA SER A 307 -0.89 28.29 -13.79
C SER A 307 -0.12 27.11 -13.20
N SER A 308 -0.53 25.91 -13.61
CA SER A 308 0.10 24.68 -13.15
C SER A 308 -0.59 23.57 -13.91
N PRO A 309 0.04 22.39 -14.02
CA PRO A 309 -0.67 21.33 -14.75
C PRO A 309 -1.93 20.93 -13.96
N TYR A 310 -1.97 21.38 -12.70
CA TYR A 310 -3.09 21.10 -11.81
C TYR A 310 -4.30 21.93 -12.22
N LEU A 311 -4.08 23.21 -12.51
CA LEU A 311 -5.16 24.09 -12.96
C LEU A 311 -5.69 23.61 -14.30
N ILE A 312 -4.77 23.26 -15.20
CA ILE A 312 -5.12 22.79 -16.54
C ILE A 312 -5.97 21.53 -16.45
N ALA A 313 -5.58 20.62 -15.56
CA ALA A 313 -6.30 19.37 -15.37
C ALA A 313 -7.72 19.61 -14.86
N PHE A 314 -7.84 20.57 -13.96
CA PHE A 314 -9.13 20.93 -13.38
C PHE A 314 -10.08 21.44 -14.48
N LEU A 315 -9.56 22.31 -15.35
CA LEU A 315 -10.33 22.85 -16.47
C LEU A 315 -10.89 21.72 -17.30
N VAL A 316 -10.08 20.69 -17.55
CA VAL A 316 -10.53 19.54 -18.32
C VAL A 316 -11.65 18.83 -17.58
N ASP A 317 -11.56 18.77 -16.25
CA ASP A 317 -12.59 18.10 -15.47
C ASP A 317 -13.89 18.87 -15.52
N ILE A 318 -13.80 20.19 -15.52
CA ILE A 318 -14.98 21.05 -15.61
C ILE A 318 -15.61 20.84 -16.99
N TYR A 319 -14.79 20.83 -18.03
CA TYR A 319 -15.28 20.62 -19.39
C TYR A 319 -15.95 19.27 -19.52
N GLU A 320 -15.27 18.24 -19.00
CA GLU A 320 -15.77 16.88 -19.05
C GLU A 320 -17.19 16.78 -18.48
N ASP A 321 -17.42 17.41 -17.33
CA ASP A 321 -18.73 17.38 -16.69
C ASP A 321 -19.74 18.25 -17.45
N MET A 322 -19.30 19.42 -17.91
CA MET A 322 -20.18 20.31 -18.69
C MET A 322 -20.70 19.53 -19.86
N LEU A 323 -19.81 18.84 -20.54
CA LEU A 323 -20.16 18.02 -21.70
C LEU A 323 -21.09 16.86 -21.32
N GLU A 324 -20.95 16.39 -20.09
CA GLU A 324 -21.75 15.29 -19.58
C GLU A 324 -23.18 15.78 -19.31
N ASN A 325 -23.33 17.05 -18.97
CA ASN A 325 -24.64 17.62 -18.68
C ASN A 325 -25.10 18.60 -19.78
N GLN A 326 -25.04 18.14 -21.03
CA GLN A 326 -25.45 18.93 -22.21
C GLN A 326 -25.37 20.43 -22.06
N CYS A 327 -24.15 20.96 -22.04
CA CYS A 327 -23.94 22.39 -21.91
C CYS A 327 -24.13 23.07 -23.26
N ASP A 328 -24.18 24.41 -23.24
CA ASP A 328 -24.33 25.19 -24.46
C ASP A 328 -22.97 25.14 -25.18
N ASN A 329 -22.97 25.34 -26.50
CA ASN A 329 -21.72 25.34 -27.27
C ASN A 329 -20.96 24.04 -27.09
N LYS A 330 -21.69 22.92 -27.07
CA LYS A 330 -21.13 21.59 -26.91
C LYS A 330 -19.75 21.47 -27.55
N GLU A 331 -19.68 21.86 -28.82
CA GLU A 331 -18.47 21.77 -29.60
C GLU A 331 -17.32 22.67 -29.17
N ASP A 332 -17.62 23.94 -28.95
CA ASP A 332 -16.61 24.88 -28.51
C ASP A 332 -15.91 24.32 -27.26
N ILE A 333 -16.70 23.76 -26.35
CA ILE A 333 -16.21 23.18 -25.09
C ILE A 333 -15.33 21.96 -25.32
N LEU A 334 -15.82 21.02 -26.12
CA LEU A 334 -15.09 19.80 -26.45
C LEU A 334 -13.67 20.14 -26.96
N ASN A 335 -13.59 21.03 -27.95
CA ASN A 335 -12.32 21.42 -28.54
C ASN A 335 -11.40 22.07 -27.52
N LYS A 336 -11.95 22.93 -26.66
CA LYS A 336 -11.15 23.56 -25.62
C LYS A 336 -10.51 22.43 -24.78
N ALA A 337 -11.32 21.42 -24.45
CA ALA A 337 -10.89 20.27 -23.65
C ALA A 337 -9.80 19.44 -24.32
N LEU A 338 -10.03 19.06 -25.57
CA LEU A 338 -9.06 18.27 -26.33
C LEU A 338 -7.76 19.07 -26.49
N GLU A 339 -7.89 20.40 -26.61
CA GLU A 339 -6.71 21.25 -26.74
C GLU A 339 -5.86 21.14 -25.48
N LEU A 340 -6.52 21.18 -24.31
CA LEU A 340 -5.83 21.06 -23.03
C LEU A 340 -5.28 19.65 -22.80
N CYS A 341 -6.04 18.63 -23.19
CA CYS A 341 -5.58 17.26 -23.03
C CYS A 341 -4.28 17.03 -23.79
N GLU A 342 -4.14 17.70 -24.93
CA GLU A 342 -2.95 17.56 -25.76
C GLU A 342 -1.79 18.37 -25.15
N ILE A 343 -2.08 19.58 -24.67
CA ILE A 343 -1.05 20.38 -24.04
C ILE A 343 -0.48 19.60 -22.85
N LEU A 344 -1.35 18.91 -22.13
CA LEU A 344 -0.95 18.13 -20.97
C LEU A 344 -0.13 16.90 -21.37
N ALA A 345 -0.66 16.09 -22.28
CA ALA A 345 0.01 14.87 -22.74
C ALA A 345 1.35 15.12 -23.43
N LYS A 346 1.48 16.26 -24.10
CA LYS A 346 2.71 16.55 -24.83
C LYS A 346 3.63 17.58 -24.23
N GLU A 347 3.13 18.43 -23.35
CA GLU A 347 3.99 19.45 -22.81
C GLU A 347 3.97 19.65 -21.30
N LYS A 348 2.81 20.00 -20.75
CA LYS A 348 2.70 20.27 -19.32
C LYS A 348 2.56 19.10 -18.33
N ASP A 349 2.29 17.90 -18.81
CA ASP A 349 2.13 16.76 -17.91
C ASP A 349 2.37 15.43 -18.62
N THR A 350 3.53 15.34 -19.25
CA THR A 350 3.92 14.17 -20.03
C THR A 350 3.99 12.83 -19.28
N ILE A 351 4.31 12.89 -18.00
CA ILE A 351 4.40 11.65 -17.20
C ILE A 351 3.04 10.92 -17.29
N ARG A 352 1.97 11.69 -17.43
CA ARG A 352 0.61 11.16 -17.53
C ARG A 352 0.06 11.15 -18.97
N LYS A 353 0.96 11.15 -19.94
CA LYS A 353 0.58 11.13 -21.34
C LYS A 353 -0.45 10.06 -21.70
N GLU A 354 -0.31 8.86 -21.15
CA GLU A 354 -1.27 7.78 -21.45
C GLU A 354 -2.65 8.05 -20.90
N TYR A 355 -2.73 8.75 -19.78
CA TYR A 355 -4.01 9.07 -19.17
C TYR A 355 -4.68 10.16 -19.98
N TRP A 356 -3.94 11.23 -20.22
CA TRP A 356 -4.43 12.36 -20.97
C TRP A 356 -4.85 12.00 -22.38
N ARG A 357 -4.14 11.08 -23.02
CA ARG A 357 -4.52 10.64 -24.36
C ARG A 357 -5.86 9.92 -24.25
N TYR A 358 -5.99 9.09 -23.22
CA TYR A 358 -7.23 8.35 -22.99
C TYR A 358 -8.43 9.29 -22.72
N ILE A 359 -8.22 10.33 -21.89
CA ILE A 359 -9.29 11.28 -21.60
C ILE A 359 -9.70 11.95 -22.91
N GLY A 360 -8.70 12.43 -23.65
CA GLY A 360 -8.96 13.07 -24.93
C GLY A 360 -9.76 12.16 -25.84
N ARG A 361 -9.41 10.88 -25.86
CA ARG A 361 -10.08 9.88 -26.67
C ARG A 361 -11.50 9.57 -26.19
N SER A 362 -11.72 9.62 -24.87
CA SER A 362 -13.04 9.35 -24.29
C SER A 362 -14.00 10.49 -24.63
N LEU A 363 -13.54 11.73 -24.44
CA LEU A 363 -14.32 12.92 -24.73
C LEU A 363 -14.70 12.91 -26.20
N GLN A 364 -13.73 12.57 -27.05
CA GLN A 364 -13.92 12.48 -28.49
C GLN A 364 -14.98 11.42 -28.79
N SER A 365 -14.80 10.24 -28.21
CA SER A 365 -15.71 9.12 -28.40
C SER A 365 -17.17 9.42 -28.10
N LYS A 366 -17.45 10.22 -27.08
CA LYS A 366 -18.84 10.50 -26.74
C LYS A 366 -19.39 11.93 -26.86
N HIS A 367 -18.56 12.89 -27.25
CA HIS A 367 -19.05 14.27 -27.35
C HIS A 367 -18.82 14.98 -28.68
N SER A 368 -18.20 14.31 -29.65
CA SER A 368 -17.97 14.93 -30.95
C SER A 368 -19.34 15.05 -31.64
N ARG A 369 -19.50 16.03 -32.53
CA ARG A 369 -20.77 16.21 -33.22
C ARG A 369 -21.22 14.93 -33.94
N GLU A 370 -20.24 14.11 -34.30
CA GLU A 370 -20.48 12.84 -35.00
C GLU A 370 -20.91 11.69 -34.08
N SER A 371 -20.66 11.84 -32.78
CA SER A 371 -20.98 10.81 -31.78
C SER A 371 -22.41 10.26 -31.73
N ASP A 372 -23.41 11.08 -32.04
CA ASP A 372 -24.80 10.62 -32.02
C ASP A 372 -25.36 10.38 -33.42
N ILE A 373 -24.51 10.57 -34.43
CA ILE A 373 -24.88 10.42 -35.84
C ILE A 373 -24.73 8.96 -36.34
N PRO A 374 -25.82 8.37 -36.89
CA PRO A 374 -25.81 7.00 -37.41
C PRO A 374 -24.76 6.83 -38.51
N ALA A 375 -24.19 5.63 -38.60
CA ALA A 375 -23.16 5.32 -39.60
C ALA A 375 -23.55 5.67 -41.05
N SER A 376 -24.86 5.60 -41.35
CA SER A 376 -25.40 5.88 -42.69
C SER A 376 -25.39 7.35 -43.15
N VAL A 377 -25.54 8.27 -42.20
CA VAL A 377 -25.56 9.71 -42.48
C VAL A 377 -24.24 10.17 -43.12
N PRO B 17 17.48 10.68 -34.08
CA PRO B 17 18.59 11.63 -34.35
C PRO B 17 19.78 11.37 -33.42
N VAL B 18 20.93 12.00 -33.72
CA VAL B 18 22.15 11.82 -32.92
C VAL B 18 22.11 12.57 -31.58
N TRP B 19 21.46 13.73 -31.57
CA TRP B 19 21.32 14.54 -30.36
C TRP B 19 20.21 14.02 -29.45
N SER B 20 19.38 13.10 -29.98
CA SER B 20 18.26 12.52 -29.24
C SER B 20 18.63 11.51 -28.16
N GLU B 21 18.18 11.80 -26.93
CA GLU B 21 18.43 10.95 -25.77
C GLU B 21 17.27 9.93 -25.67
N PRO B 22 17.56 8.63 -25.81
CA PRO B 22 16.51 7.61 -25.72
C PRO B 22 15.91 7.42 -24.32
N LEU B 23 16.62 7.89 -23.30
CA LEU B 23 16.14 7.78 -21.91
C LEU B 23 15.40 9.03 -21.48
N TYR B 24 14.12 8.85 -21.20
CA TYR B 24 13.21 9.91 -20.78
C TYR B 24 13.71 10.77 -19.62
N SER B 25 14.32 10.14 -18.62
CA SER B 25 14.81 10.85 -17.45
C SER B 25 16.07 11.68 -17.69
N LEU B 26 16.75 11.45 -18.82
CA LEU B 26 17.98 12.17 -19.13
C LEU B 26 17.82 13.28 -20.18
N ARG B 27 16.63 13.40 -20.76
CA ARG B 27 16.37 14.43 -21.76
C ARG B 27 16.44 15.80 -21.10
N PRO B 28 16.93 16.82 -21.82
CA PRO B 28 17.04 18.19 -21.27
C PRO B 28 15.75 18.77 -20.70
N GLU B 29 14.63 18.48 -21.36
CA GLU B 29 13.31 18.97 -20.96
C GLU B 29 12.91 18.41 -19.60
N HIS B 30 13.41 17.22 -19.31
CA HIS B 30 13.11 16.55 -18.06
C HIS B 30 13.40 17.45 -16.87
N ALA B 31 14.43 18.28 -16.94
CA ALA B 31 14.78 19.16 -15.83
C ALA B 31 13.65 20.12 -15.46
N ARG B 32 12.68 20.29 -16.37
CA ARG B 32 11.55 21.15 -16.11
C ARG B 32 10.56 20.50 -15.14
N GLU B 33 10.72 19.19 -14.93
CA GLU B 33 9.88 18.42 -14.03
C GLU B 33 10.26 18.54 -12.55
N ARG B 34 11.31 19.30 -12.27
CA ARG B 34 11.75 19.49 -10.90
C ARG B 34 10.66 20.26 -10.16
N LEU B 35 10.61 20.06 -8.85
CA LEU B 35 9.64 20.67 -7.96
C LEU B 35 9.64 22.19 -7.96
N GLN B 36 8.44 22.78 -7.96
CA GLN B 36 8.28 24.22 -7.91
C GLN B 36 7.62 24.46 -6.55
N ASP B 37 8.40 24.99 -5.60
CA ASP B 37 7.92 25.23 -4.27
C ASP B 37 7.24 26.57 -4.04
N ASP B 38 7.08 27.35 -5.11
CA ASP B 38 6.41 28.66 -5.05
C ASP B 38 7.00 29.56 -3.98
N SER B 39 8.26 29.30 -3.65
CA SER B 39 8.99 30.05 -2.62
C SER B 39 8.37 29.96 -1.23
N VAL B 40 7.50 28.96 -1.06
CA VAL B 40 6.86 28.69 0.21
C VAL B 40 7.42 27.32 0.61
N GLU B 41 8.34 27.32 1.56
CA GLU B 41 8.95 26.07 2.01
C GLU B 41 8.23 25.48 3.21
N THR B 42 7.93 24.18 3.12
CA THR B 42 7.30 23.44 4.22
C THR B 42 8.06 22.11 4.29
N VAL B 43 7.82 21.34 5.34
CA VAL B 43 8.49 20.05 5.51
C VAL B 43 8.32 19.19 4.28
N THR B 44 7.12 19.18 3.71
CA THR B 44 6.86 18.40 2.51
C THR B 44 7.76 18.79 1.34
N SER B 45 7.85 20.08 1.01
CA SER B 45 8.66 20.53 -0.13
C SER B 45 10.14 20.25 0.08
N ILE B 46 10.62 20.53 1.28
CA ILE B 46 12.00 20.29 1.64
C ILE B 46 12.34 18.81 1.43
N GLU B 47 11.49 17.92 1.91
CA GLU B 47 11.74 16.47 1.75
C GLU B 47 11.72 16.02 0.31
N GLN B 48 10.77 16.57 -0.45
CA GLN B 48 10.64 16.23 -1.87
C GLN B 48 11.89 16.69 -2.61
N ALA B 49 12.35 17.90 -2.28
CA ALA B 49 13.52 18.49 -2.92
C ALA B 49 14.77 17.66 -2.67
N LYS B 50 14.94 17.16 -1.46
CA LYS B 50 16.08 16.33 -1.11
C LYS B 50 16.12 15.08 -1.99
N VAL B 51 14.98 14.43 -2.15
CA VAL B 51 14.88 13.22 -2.97
C VAL B 51 15.20 13.52 -4.42
N GLU B 52 14.62 14.60 -4.95
CA GLU B 52 14.85 14.95 -6.34
C GLU B 52 16.31 15.26 -6.62
N GLU B 53 16.99 15.88 -5.67
CA GLU B 53 18.39 16.18 -5.86
C GLU B 53 19.21 14.90 -5.93
N LYS B 54 18.89 13.95 -5.04
CA LYS B 54 19.61 12.68 -5.02
C LYS B 54 19.34 11.88 -6.30
N ILE B 55 18.09 11.91 -6.78
CA ILE B 55 17.72 11.21 -8.00
C ILE B 55 18.40 11.87 -9.21
N GLN B 56 18.46 13.20 -9.20
CA GLN B 56 19.09 13.95 -10.29
C GLN B 56 20.57 13.52 -10.43
N GLU B 57 21.25 13.32 -9.29
CA GLU B 57 22.65 12.88 -9.32
C GLU B 57 22.73 11.54 -10.04
N VAL B 58 21.86 10.61 -9.66
CA VAL B 58 21.86 9.29 -10.30
C VAL B 58 21.70 9.45 -11.81
N PHE B 59 20.69 10.21 -12.23
CA PHE B 59 20.43 10.43 -13.66
C PHE B 59 21.66 11.01 -14.37
N SER B 60 22.20 12.11 -13.84
CA SER B 60 23.36 12.80 -14.41
C SER B 60 24.70 12.06 -14.28
N SER B 61 24.75 10.97 -13.52
CA SER B 61 26.00 10.22 -13.31
C SER B 61 26.74 9.81 -14.57
N TYR B 62 26.02 9.28 -15.56
CA TYR B 62 26.65 8.85 -16.82
C TYR B 62 27.30 10.03 -17.55
N LYS B 63 26.59 11.16 -17.54
CA LYS B 63 27.01 12.42 -18.14
C LYS B 63 28.27 12.96 -17.48
N PHE B 64 28.25 13.09 -16.15
CA PHE B 64 29.40 13.62 -15.44
C PHE B 64 30.60 12.67 -15.46
N ASN B 65 30.32 11.41 -15.77
CA ASN B 65 31.37 10.39 -15.88
C ASN B 65 31.82 10.16 -17.34
N HIS B 66 31.08 10.74 -18.28
CA HIS B 66 31.39 10.65 -19.71
C HIS B 66 31.32 9.20 -20.19
N LEU B 67 30.17 8.57 -19.93
CA LEU B 67 29.95 7.18 -20.31
C LEU B 67 28.56 7.08 -20.93
N VAL B 68 28.38 6.10 -21.80
CA VAL B 68 27.09 5.86 -22.43
C VAL B 68 26.24 5.09 -21.40
N PRO B 69 25.03 5.59 -21.08
CA PRO B 69 24.15 4.92 -20.13
C PRO B 69 23.75 3.53 -20.62
N ARG B 70 23.83 2.56 -19.73
CA ARG B 70 23.43 1.20 -20.04
C ARG B 70 22.61 0.67 -18.86
N LEU B 71 21.30 0.49 -19.10
CA LEU B 71 20.39 0.00 -18.06
C LEU B 71 20.35 -1.52 -18.05
N VAL B 72 21.00 -2.08 -17.05
CA VAL B 72 21.11 -3.52 -16.88
C VAL B 72 20.52 -3.99 -15.56
N LEU B 73 19.64 -4.97 -15.63
CA LEU B 73 19.06 -5.55 -14.43
C LEU B 73 20.13 -6.55 -13.96
N GLN B 74 20.74 -6.31 -12.82
CA GLN B 74 21.78 -7.20 -12.28
C GLN B 74 21.27 -8.57 -11.83
N ARG B 75 20.79 -9.38 -12.77
CA ARG B 75 20.25 -10.71 -12.48
C ARG B 75 21.09 -11.62 -11.62
N GLU B 76 22.36 -11.79 -11.98
CA GLU B 76 23.26 -12.67 -11.24
C GLU B 76 23.32 -12.26 -9.77
N LYS B 77 23.47 -10.96 -9.54
CA LYS B 77 23.51 -10.40 -8.20
C LYS B 77 22.21 -10.65 -7.43
N HIS B 78 21.06 -10.37 -8.06
CA HIS B 78 19.76 -10.56 -7.40
C HIS B 78 19.54 -12.03 -7.09
N PHE B 79 19.92 -12.90 -8.00
CA PHE B 79 19.80 -14.34 -7.81
C PHE B 79 20.59 -14.83 -6.60
N HIS B 80 21.83 -14.37 -6.46
CA HIS B 80 22.64 -14.81 -5.34
C HIS B 80 22.00 -14.42 -4.01
N TYR B 81 21.57 -13.16 -3.94
CA TYR B 81 20.92 -12.58 -2.77
C TYR B 81 19.67 -13.37 -2.37
N LEU B 82 18.86 -13.73 -3.36
CA LEU B 82 17.64 -14.49 -3.16
C LEU B 82 17.90 -15.93 -2.77
N LYS B 83 18.72 -16.61 -3.57
CA LYS B 83 19.08 -18.01 -3.36
C LYS B 83 19.56 -18.26 -1.91
N ARG B 84 20.41 -17.38 -1.40
CA ARG B 84 20.93 -17.52 -0.05
C ARG B 84 19.86 -17.19 0.98
N GLY B 85 19.21 -16.04 0.80
CA GLY B 85 18.16 -15.62 1.71
C GLY B 85 17.06 -16.66 1.89
N LEU B 86 16.76 -17.44 0.85
CA LEU B 86 15.71 -18.46 0.94
C LEU B 86 16.05 -19.52 1.97
N ARG B 87 17.33 -19.57 2.32
CA ARG B 87 17.82 -20.55 3.27
C ARG B 87 18.18 -19.97 4.64
N GLN B 88 18.88 -18.85 4.64
CA GLN B 88 19.34 -18.30 5.89
C GLN B 88 19.37 -16.79 5.84
N LEU B 89 19.03 -16.14 6.95
CA LEU B 89 18.99 -14.69 7.04
C LEU B 89 19.73 -14.22 8.29
N THR B 90 20.30 -13.01 8.22
CA THR B 90 21.02 -12.45 9.36
C THR B 90 20.01 -11.91 10.40
N ASP B 91 20.51 -11.53 11.57
CA ASP B 91 19.64 -11.01 12.61
C ASP B 91 19.00 -9.69 12.22
N ALA B 92 19.35 -9.19 11.05
CA ALA B 92 18.77 -7.96 10.53
C ALA B 92 17.28 -8.26 10.29
N TYR B 93 16.97 -9.53 10.13
CA TYR B 93 15.61 -9.96 9.89
C TYR B 93 14.84 -10.40 11.13
N GLU B 94 15.35 -10.06 12.32
CA GLU B 94 14.66 -10.41 13.55
C GLU B 94 13.28 -9.73 13.59
N CYS B 95 13.20 -8.52 13.03
CA CYS B 95 11.95 -7.76 12.97
C CYS B 95 10.91 -8.43 12.08
N LEU B 96 11.31 -9.46 11.35
CA LEU B 96 10.38 -10.17 10.49
C LEU B 96 10.22 -11.61 10.95
N ASP B 97 10.54 -11.84 12.22
CA ASP B 97 10.41 -13.16 12.80
C ASP B 97 8.94 -13.61 12.83
N ALA B 98 8.02 -12.65 12.74
CA ALA B 98 6.61 -12.99 12.73
C ALA B 98 6.04 -12.85 11.30
N SER B 99 6.90 -12.95 10.29
CA SER B 99 6.49 -12.83 8.89
C SER B 99 7.26 -13.75 7.98
N ARG B 100 7.67 -14.90 8.48
CA ARG B 100 8.45 -15.80 7.67
C ARG B 100 7.78 -16.32 6.40
N PRO B 101 6.46 -16.54 6.41
CA PRO B 101 5.88 -17.01 5.15
C PRO B 101 5.98 -15.90 4.09
N TRP B 102 6.04 -14.65 4.53
CA TRP B 102 6.21 -13.52 3.62
C TRP B 102 7.60 -13.62 3.01
N LEU B 103 8.59 -13.97 3.84
CA LEU B 103 9.95 -14.12 3.34
C LEU B 103 9.97 -15.22 2.30
N CYS B 104 9.22 -16.30 2.53
CA CYS B 104 9.16 -17.37 1.54
C CYS B 104 8.55 -16.85 0.25
N TYR B 105 7.43 -16.14 0.37
CA TYR B 105 6.74 -15.61 -0.79
C TYR B 105 7.55 -14.58 -1.57
N TRP B 106 8.11 -13.58 -0.90
CA TRP B 106 8.87 -12.55 -1.58
C TRP B 106 10.03 -13.16 -2.37
N ILE B 107 10.72 -14.10 -1.75
CA ILE B 107 11.87 -14.74 -2.39
C ILE B 107 11.49 -15.64 -3.57
N LEU B 108 10.53 -16.54 -3.36
CA LEU B 108 10.10 -17.44 -4.42
C LEU B 108 9.55 -16.67 -5.62
N HIS B 109 8.77 -15.62 -5.36
CA HIS B 109 8.20 -14.81 -6.44
C HIS B 109 9.30 -14.07 -7.20
N SER B 110 10.29 -13.51 -6.49
CA SER B 110 11.38 -12.80 -7.15
C SER B 110 12.12 -13.77 -8.07
N LEU B 111 12.33 -15.00 -7.59
CA LEU B 111 13.02 -16.03 -8.38
C LEU B 111 12.20 -16.41 -9.60
N GLU B 112 10.89 -16.54 -9.42
CA GLU B 112 9.99 -16.88 -10.51
C GLU B 112 10.02 -15.76 -11.57
N LEU B 113 10.00 -14.51 -11.13
CA LEU B 113 10.06 -13.36 -12.02
C LEU B 113 11.36 -13.38 -12.83
N LEU B 114 12.46 -13.75 -12.15
CA LEU B 114 13.78 -13.82 -12.78
C LEU B 114 13.94 -15.11 -13.57
N ASP B 115 12.88 -15.91 -13.60
CA ASP B 115 12.88 -17.16 -14.32
C ASP B 115 13.96 -18.14 -13.84
N GLU B 116 14.12 -18.24 -12.52
CA GLU B 116 15.07 -19.17 -11.92
C GLU B 116 14.26 -20.36 -11.42
N PRO B 117 14.67 -21.58 -11.77
CA PRO B 117 13.90 -22.74 -11.31
C PRO B 117 13.99 -22.99 -9.81
N ILE B 118 12.95 -23.60 -9.26
CA ILE B 118 12.91 -23.90 -7.84
C ILE B 118 13.24 -25.39 -7.70
N PRO B 119 14.44 -25.71 -7.18
CA PRO B 119 14.85 -27.11 -7.00
C PRO B 119 13.83 -27.81 -6.12
N GLN B 120 13.54 -29.07 -6.41
CA GLN B 120 12.57 -29.82 -5.62
C GLN B 120 12.97 -30.03 -4.15
N ILE B 121 14.26 -29.90 -3.84
CA ILE B 121 14.75 -30.00 -2.47
C ILE B 121 14.24 -28.74 -1.75
N VAL B 122 14.36 -27.61 -2.43
CA VAL B 122 13.90 -26.34 -1.91
C VAL B 122 12.38 -26.37 -1.75
N ALA B 123 11.68 -26.70 -2.83
CA ALA B 123 10.23 -26.76 -2.81
C ALA B 123 9.69 -27.64 -1.66
N THR B 124 10.22 -28.84 -1.50
CA THR B 124 9.75 -29.71 -0.42
C THR B 124 10.04 -29.12 0.96
N ASP B 125 11.21 -28.52 1.13
CA ASP B 125 11.57 -27.92 2.40
C ASP B 125 10.69 -26.72 2.75
N VAL B 126 10.30 -25.95 1.73
CA VAL B 126 9.42 -24.80 1.95
C VAL B 126 8.06 -25.34 2.37
N CYS B 127 7.61 -26.40 1.72
CA CYS B 127 6.32 -27.00 2.05
C CYS B 127 6.29 -27.43 3.50
N GLN B 128 7.27 -28.22 3.90
CA GLN B 128 7.31 -28.70 5.27
C GLN B 128 7.38 -27.55 6.26
N PHE B 129 8.12 -26.51 5.91
CA PHE B 129 8.23 -25.36 6.80
C PHE B 129 6.85 -24.70 6.95
N LEU B 130 6.16 -24.50 5.83
CA LEU B 130 4.83 -23.88 5.86
C LEU B 130 3.80 -24.73 6.61
N GLU B 131 3.95 -26.06 6.58
CA GLU B 131 3.05 -26.94 7.31
C GLU B 131 3.19 -26.63 8.79
N LEU B 132 4.43 -26.42 9.23
CA LEU B 132 4.72 -26.09 10.63
C LEU B 132 4.13 -24.74 11.04
N CYS B 133 4.01 -23.82 10.10
CA CYS B 133 3.44 -22.50 10.38
C CYS B 133 1.90 -22.56 10.37
N GLN B 134 1.35 -23.61 9.79
CA GLN B 134 -0.10 -23.74 9.71
C GLN B 134 -0.72 -24.05 11.06
N SER B 135 -1.76 -23.32 11.40
CA SER B 135 -2.44 -23.53 12.67
C SER B 135 -3.39 -24.72 12.67
N PRO B 136 -3.57 -25.38 13.85
CA PRO B 136 -4.46 -26.54 13.95
C PRO B 136 -5.90 -26.11 13.62
N ASP B 137 -6.18 -24.82 13.81
CA ASP B 137 -7.51 -24.30 13.54
C ASP B 137 -7.68 -23.57 12.19
N GLY B 138 -6.66 -23.64 11.34
CA GLY B 138 -6.74 -22.99 10.05
C GLY B 138 -5.90 -21.74 9.95
N GLY B 139 -5.45 -21.44 8.74
CA GLY B 139 -4.62 -20.27 8.53
C GLY B 139 -3.19 -20.57 8.90
N PHE B 140 -2.29 -19.67 8.51
CA PHE B 140 -0.88 -19.80 8.79
C PHE B 140 -0.43 -18.66 9.67
N GLY B 141 0.53 -18.95 10.55
CA GLY B 141 1.07 -17.94 11.43
C GLY B 141 2.35 -17.41 10.85
N GLY B 142 3.00 -16.50 11.57
CA GLY B 142 4.26 -15.90 11.11
C GLY B 142 5.47 -16.78 11.28
N GLY B 143 5.27 -17.91 11.93
CA GLY B 143 6.34 -18.85 12.16
C GLY B 143 5.76 -20.02 12.93
N PRO B 144 6.53 -21.09 13.17
CA PRO B 144 6.00 -22.25 13.90
C PRO B 144 5.58 -21.88 15.32
N GLY B 145 4.36 -22.24 15.68
CA GLY B 145 3.87 -21.95 17.02
C GLY B 145 3.20 -20.60 17.17
N GLN B 146 3.19 -19.78 16.13
CA GLN B 146 2.56 -18.48 16.23
C GLN B 146 1.09 -18.59 15.83
N TYR B 147 0.25 -17.75 16.40
CA TYR B 147 -1.16 -17.79 16.05
C TYR B 147 -1.34 -17.42 14.58
N PRO B 148 -2.37 -17.96 13.91
CA PRO B 148 -2.63 -17.66 12.50
C PRO B 148 -2.97 -16.18 12.31
N HIS B 149 -2.68 -15.65 11.14
CA HIS B 149 -2.90 -14.24 10.84
C HIS B 149 -3.12 -14.21 9.31
N LEU B 150 -4.04 -13.38 8.84
CA LEU B 150 -4.34 -13.31 7.41
C LEU B 150 -3.20 -12.91 6.49
N ALA B 151 -2.27 -12.06 6.96
CA ALA B 151 -1.17 -11.66 6.09
C ALA B 151 -0.24 -12.86 5.81
N PRO B 152 0.24 -13.56 6.86
CA PRO B 152 1.11 -14.74 6.66
C PRO B 152 0.35 -15.85 5.90
N THR B 153 -0.96 -15.93 6.11
CA THR B 153 -1.82 -16.91 5.44
C THR B 153 -1.85 -16.64 3.93
N TYR B 154 -1.97 -15.37 3.56
CA TYR B 154 -1.98 -14.96 2.17
C TYR B 154 -0.65 -15.30 1.54
N ALA B 155 0.44 -14.97 2.26
CA ALA B 155 1.79 -15.24 1.77
C ALA B 155 2.05 -16.73 1.64
N ALA B 156 1.64 -17.49 2.64
CA ALA B 156 1.85 -18.93 2.60
C ALA B 156 1.16 -19.55 1.40
N VAL B 157 -0.11 -19.19 1.19
CA VAL B 157 -0.86 -19.73 0.07
C VAL B 157 -0.19 -19.36 -1.25
N ASN B 158 0.18 -18.09 -1.41
CA ASN B 158 0.85 -17.66 -2.64
C ASN B 158 2.15 -18.44 -2.87
N ALA B 159 2.94 -18.60 -1.81
CA ALA B 159 4.20 -19.32 -1.94
C ALA B 159 3.95 -20.77 -2.38
N LEU B 160 2.98 -21.44 -1.76
CA LEU B 160 2.67 -22.83 -2.11
C LEU B 160 2.18 -22.94 -3.57
N CYS B 161 1.44 -21.93 -4.04
CA CYS B 161 0.95 -21.91 -5.41
C CYS B 161 2.07 -21.66 -6.40
N ILE B 162 3.08 -20.87 -5.99
CA ILE B 162 4.23 -20.61 -6.86
C ILE B 162 4.97 -21.95 -7.04
N ILE B 163 5.09 -22.73 -5.98
CA ILE B 163 5.74 -24.02 -6.07
C ILE B 163 4.85 -24.85 -6.98
N GLY B 164 3.55 -24.84 -6.67
CA GLY B 164 2.58 -25.52 -7.50
C GLY B 164 2.62 -27.02 -7.70
N THR B 165 3.18 -27.75 -6.75
CA THR B 165 3.23 -29.20 -6.84
C THR B 165 2.05 -29.77 -6.05
N GLU B 166 1.79 -31.06 -6.21
CA GLU B 166 0.70 -31.72 -5.50
C GLU B 166 0.99 -31.60 -4.00
N GLU B 167 2.27 -31.69 -3.64
CA GLU B 167 2.69 -31.57 -2.26
C GLU B 167 2.33 -30.17 -1.75
N ALA B 168 2.73 -29.14 -2.48
CA ALA B 168 2.45 -27.76 -2.09
C ALA B 168 0.96 -27.54 -1.86
N TYR B 169 0.16 -27.89 -2.86
CA TYR B 169 -1.30 -27.73 -2.74
C TYR B 169 -1.86 -28.48 -1.53
N ASN B 170 -1.41 -29.71 -1.32
CA ASN B 170 -1.89 -30.53 -0.21
C ASN B 170 -1.59 -30.02 1.20
N VAL B 171 -0.66 -29.08 1.33
CA VAL B 171 -0.32 -28.51 2.64
C VAL B 171 -1.52 -27.74 3.21
N ILE B 172 -2.25 -27.07 2.32
CA ILE B 172 -3.38 -26.27 2.74
C ILE B 172 -4.56 -27.08 3.23
N ASN B 173 -4.91 -26.89 4.51
CA ASN B 173 -6.07 -27.56 5.08
C ASN B 173 -7.24 -26.61 4.78
N ARG B 174 -7.96 -26.92 3.71
CA ARG B 174 -9.09 -26.11 3.26
C ARG B 174 -10.31 -25.95 4.18
N GLU B 175 -10.74 -27.02 4.84
CA GLU B 175 -11.89 -26.94 5.75
C GLU B 175 -11.57 -25.97 6.89
N LYS B 176 -10.39 -26.15 7.48
CA LYS B 176 -9.94 -25.31 8.56
C LYS B 176 -9.72 -23.89 8.09
N LEU B 177 -9.12 -23.74 6.91
CA LEU B 177 -8.87 -22.41 6.36
C LEU B 177 -10.19 -21.64 6.28
N LEU B 178 -11.23 -22.30 5.76
CA LEU B 178 -12.55 -21.69 5.62
C LEU B 178 -13.11 -21.33 7.00
N GLN B 179 -12.95 -22.25 7.96
CA GLN B 179 -13.40 -22.00 9.33
C GLN B 179 -12.68 -20.77 9.86
N TYR B 180 -11.37 -20.69 9.61
CA TYR B 180 -10.57 -19.57 10.06
C TYR B 180 -11.15 -18.26 9.50
N LEU B 181 -11.36 -18.18 8.19
CA LEU B 181 -11.90 -16.95 7.60
C LEU B 181 -13.22 -16.55 8.25
N TYR B 182 -14.09 -17.52 8.51
CA TYR B 182 -15.38 -17.23 9.13
C TYR B 182 -15.20 -16.67 10.54
N SER B 183 -14.24 -17.20 11.29
CA SER B 183 -14.02 -16.71 12.65
C SER B 183 -13.56 -15.26 12.68
N LEU B 184 -13.07 -14.77 11.54
CA LEU B 184 -12.59 -13.39 11.46
C LEU B 184 -13.59 -12.40 10.85
N LYS B 185 -14.59 -12.93 10.16
CA LYS B 185 -15.61 -12.14 9.49
C LYS B 185 -16.45 -11.27 10.45
N GLN B 186 -16.65 -10.02 10.07
CA GLN B 186 -17.42 -9.06 10.86
C GLN B 186 -18.80 -8.80 10.28
N PRO B 187 -19.73 -8.33 11.13
CA PRO B 187 -21.09 -8.04 10.68
C PRO B 187 -21.13 -6.95 9.61
N ASP B 188 -20.21 -5.99 9.67
CA ASP B 188 -20.22 -4.92 8.67
C ASP B 188 -19.59 -5.27 7.32
N GLY B 189 -19.19 -6.53 7.15
CA GLY B 189 -18.59 -6.98 5.90
C GLY B 189 -17.07 -7.13 5.89
N SER B 190 -16.41 -6.53 6.88
CA SER B 190 -14.96 -6.58 7.00
C SER B 190 -14.48 -7.83 7.73
N PHE B 191 -13.16 -7.97 7.82
CA PHE B 191 -12.54 -9.09 8.50
C PHE B 191 -11.46 -8.60 9.45
N LEU B 192 -11.25 -9.32 10.54
CA LEU B 192 -10.18 -8.97 11.47
C LEU B 192 -8.93 -9.53 10.78
N MET B 193 -7.73 -9.05 11.13
CA MET B 193 -6.50 -9.61 10.52
C MET B 193 -6.18 -10.95 11.19
N HIS B 194 -6.58 -11.08 12.45
CA HIS B 194 -6.34 -12.27 13.25
C HIS B 194 -7.21 -12.09 14.50
N VAL B 195 -7.42 -13.17 15.24
CA VAL B 195 -8.24 -13.12 16.45
C VAL B 195 -7.74 -12.05 17.43
N GLY B 196 -8.65 -11.17 17.85
CA GLY B 196 -8.28 -10.10 18.76
C GLY B 196 -7.43 -9.05 18.08
N GLY B 197 -7.40 -9.05 16.75
CA GLY B 197 -6.60 -8.12 15.98
C GLY B 197 -7.36 -6.95 15.34
N GLU B 198 -6.61 -6.15 14.58
CA GLU B 198 -7.15 -4.97 13.89
C GLU B 198 -7.90 -5.29 12.59
N VAL B 199 -8.65 -4.30 12.12
CA VAL B 199 -9.42 -4.41 10.89
C VAL B 199 -9.03 -3.30 9.93
N ASP B 200 -8.76 -3.68 8.69
CA ASP B 200 -8.47 -2.73 7.61
C ASP B 200 -8.60 -3.47 6.31
N VAL B 201 -8.58 -2.76 5.20
CA VAL B 201 -8.77 -3.37 3.89
C VAL B 201 -7.83 -4.51 3.49
N ARG B 202 -6.65 -4.60 4.10
CA ARG B 202 -5.73 -5.69 3.77
C ARG B 202 -6.41 -7.06 4.00
N SER B 203 -7.21 -7.16 5.06
CA SER B 203 -7.85 -8.44 5.40
C SER B 203 -8.82 -8.95 4.36
N ALA B 204 -9.57 -8.02 3.75
CA ALA B 204 -10.55 -8.35 2.71
C ALA B 204 -9.78 -8.96 1.54
N TYR B 205 -8.68 -8.32 1.17
CA TYR B 205 -7.83 -8.82 0.09
C TYR B 205 -7.18 -10.18 0.43
N CYS B 206 -6.56 -10.30 1.61
CA CYS B 206 -5.93 -11.56 2.00
C CYS B 206 -6.94 -12.70 1.96
N ALA B 207 -8.14 -12.44 2.51
CA ALA B 207 -9.19 -13.47 2.54
C ALA B 207 -9.70 -13.85 1.14
N ALA B 208 -9.98 -12.84 0.33
CA ALA B 208 -10.46 -13.08 -1.02
C ALA B 208 -9.42 -13.85 -1.82
N SER B 209 -8.14 -13.49 -1.69
CA SER B 209 -7.06 -14.16 -2.42
C SER B 209 -6.97 -15.64 -2.11
N VAL B 210 -6.76 -15.98 -0.85
CA VAL B 210 -6.66 -17.38 -0.44
C VAL B 210 -7.95 -18.17 -0.68
N ALA B 211 -9.11 -17.54 -0.46
CA ALA B 211 -10.37 -18.24 -0.64
C ALA B 211 -10.68 -18.52 -2.10
N SER B 212 -10.32 -17.60 -2.98
CA SER B 212 -10.58 -17.81 -4.39
C SER B 212 -9.63 -18.86 -4.95
N LEU B 213 -8.35 -18.76 -4.60
CA LEU B 213 -7.38 -19.73 -5.10
C LEU B 213 -7.68 -21.15 -4.66
N THR B 214 -8.05 -21.33 -3.40
CA THR B 214 -8.32 -22.67 -2.89
C THR B 214 -9.76 -23.14 -3.09
N ASN B 215 -10.59 -22.32 -3.75
CA ASN B 215 -11.98 -22.69 -4.00
C ASN B 215 -12.76 -23.04 -2.72
N ILE B 216 -12.85 -22.09 -1.80
CA ILE B 216 -13.58 -22.32 -0.55
C ILE B 216 -14.63 -21.25 -0.33
N ILE B 217 -14.87 -20.43 -1.36
CA ILE B 217 -15.84 -19.35 -1.27
C ILE B 217 -17.30 -19.85 -1.24
N THR B 218 -17.92 -19.71 -0.07
CA THR B 218 -19.30 -20.10 0.10
C THR B 218 -20.17 -18.91 -0.28
N PRO B 219 -21.47 -19.12 -0.47
CA PRO B 219 -22.43 -18.07 -0.85
C PRO B 219 -22.41 -16.80 -0.01
N ASP B 220 -22.20 -16.96 1.28
CA ASP B 220 -22.23 -15.84 2.23
C ASP B 220 -20.89 -15.36 2.82
N LEU B 221 -19.80 -16.07 2.53
CA LEU B 221 -18.50 -15.69 3.08
C LEU B 221 -18.20 -14.21 2.95
N PHE B 222 -18.45 -13.64 1.77
CA PHE B 222 -18.15 -12.24 1.55
C PHE B 222 -19.32 -11.28 1.56
N GLU B 223 -20.36 -11.62 2.31
CA GLU B 223 -21.56 -10.78 2.42
C GLU B 223 -21.13 -9.44 2.96
N GLY B 224 -21.48 -8.36 2.26
CA GLY B 224 -21.14 -7.04 2.73
C GLY B 224 -19.70 -6.60 2.55
N THR B 225 -18.82 -7.53 2.18
CA THR B 225 -17.42 -7.19 2.00
C THR B 225 -17.22 -6.13 0.91
N ALA B 226 -17.86 -6.32 -0.23
CA ALA B 226 -17.72 -5.37 -1.33
C ALA B 226 -18.16 -3.97 -0.92
N GLU B 227 -19.25 -3.92 -0.16
CA GLU B 227 -19.79 -2.64 0.29
C GLU B 227 -18.85 -2.01 1.27
N TRP B 228 -18.30 -2.83 2.16
CA TRP B 228 -17.37 -2.32 3.15
C TRP B 228 -16.17 -1.70 2.41
N ILE B 229 -15.61 -2.43 1.46
CA ILE B 229 -14.47 -1.92 0.70
C ILE B 229 -14.82 -0.60 -0.02
N ALA B 230 -16.01 -0.53 -0.61
CA ALA B 230 -16.43 0.68 -1.31
C ALA B 230 -16.46 1.90 -0.37
N ARG B 231 -16.81 1.67 0.89
CA ARG B 231 -16.84 2.76 1.87
C ARG B 231 -15.42 3.29 2.18
N CYS B 232 -14.40 2.51 1.81
CA CYS B 232 -13.02 2.93 2.03
C CYS B 232 -12.53 3.90 0.98
N GLN B 233 -13.23 3.97 -0.16
CA GLN B 233 -12.84 4.93 -1.20
C GLN B 233 -13.23 6.31 -0.67
N ASN B 234 -12.32 7.27 -0.73
CA ASN B 234 -12.62 8.59 -0.21
C ASN B 234 -12.66 9.70 -1.25
N TRP B 235 -12.70 10.95 -0.80
CA TRP B 235 -12.76 12.12 -1.67
C TRP B 235 -11.59 12.25 -2.64
N GLU B 236 -10.50 11.54 -2.38
CA GLU B 236 -9.33 11.59 -3.26
C GLU B 236 -9.45 10.71 -4.48
N GLY B 237 -10.29 9.68 -4.39
CA GLY B 237 -10.45 8.77 -5.50
C GLY B 237 -9.83 7.44 -5.15
N GLY B 238 -8.82 7.46 -4.28
CA GLY B 238 -8.17 6.24 -3.85
C GLY B 238 -8.88 5.58 -2.69
N ILE B 239 -8.26 4.56 -2.11
CA ILE B 239 -8.84 3.80 -1.01
C ILE B 239 -7.96 3.87 0.24
N GLY B 240 -8.58 4.11 1.40
CA GLY B 240 -7.86 4.18 2.66
C GLY B 240 -7.96 2.87 3.42
N GLY B 241 -7.24 2.72 4.52
CA GLY B 241 -7.29 1.49 5.30
C GLY B 241 -8.67 1.11 5.82
N VAL B 242 -9.37 2.12 6.35
CA VAL B 242 -10.72 1.97 6.88
C VAL B 242 -11.47 3.24 6.44
N PRO B 243 -12.83 3.20 6.43
CA PRO B 243 -13.62 4.36 6.02
C PRO B 243 -13.17 5.64 6.72
N GLY B 244 -12.95 6.69 5.95
CA GLY B 244 -12.52 7.97 6.51
C GLY B 244 -11.04 8.28 6.40
N MET B 245 -10.21 7.26 6.17
CA MET B 245 -8.76 7.46 6.08
C MET B 245 -8.21 7.86 4.72
N GLU B 246 -7.06 8.55 4.76
CA GLU B 246 -6.35 9.02 3.57
C GLU B 246 -6.13 7.88 2.59
N ALA B 247 -6.22 8.18 1.30
CA ALA B 247 -6.04 7.18 0.26
C ALA B 247 -4.56 6.79 0.18
N HIS B 248 -4.31 5.50 0.06
CA HIS B 248 -2.95 4.98 0.02
C HIS B 248 -2.88 3.82 -0.96
N GLY B 249 -1.78 3.78 -1.71
CA GLY B 249 -1.56 2.73 -2.69
C GLY B 249 -1.62 1.31 -2.17
N GLY B 250 -1.08 1.07 -0.98
CA GLY B 250 -1.11 -0.28 -0.44
C GLY B 250 -2.54 -0.76 -0.23
N TYR B 251 -3.35 0.10 0.40
CA TYR B 251 -4.73 -0.21 0.69
C TYR B 251 -5.59 -0.18 -0.57
N THR B 252 -5.28 0.72 -1.49
CA THR B 252 -6.02 0.82 -2.74
C THR B 252 -5.83 -0.45 -3.55
N PHE B 253 -4.61 -0.95 -3.63
CA PHE B 253 -4.37 -2.18 -4.34
C PHE B 253 -5.22 -3.27 -3.69
N CYS B 254 -5.14 -3.39 -2.37
CA CYS B 254 -5.92 -4.40 -1.66
C CYS B 254 -7.42 -4.28 -1.93
N GLY B 255 -7.93 -3.05 -1.91
CA GLY B 255 -9.35 -2.81 -2.15
C GLY B 255 -9.79 -3.21 -3.54
N LEU B 256 -9.11 -2.69 -4.55
CA LEU B 256 -9.46 -2.99 -5.94
C LEU B 256 -9.27 -4.47 -6.26
N ALA B 257 -8.12 -5.03 -5.90
CA ALA B 257 -7.87 -6.44 -6.19
C ALA B 257 -8.94 -7.34 -5.57
N ALA B 258 -9.33 -7.06 -4.33
CA ALA B 258 -10.35 -7.87 -3.66
C ALA B 258 -11.67 -7.72 -4.41
N LEU B 259 -12.02 -6.50 -4.78
CA LEU B 259 -13.26 -6.27 -5.54
C LEU B 259 -13.21 -7.03 -6.87
N VAL B 260 -12.04 -7.04 -7.51
CA VAL B 260 -11.87 -7.75 -8.77
C VAL B 260 -12.11 -9.24 -8.56
N ILE B 261 -11.62 -9.79 -7.44
CA ILE B 261 -11.82 -11.20 -7.18
C ILE B 261 -13.30 -11.48 -6.96
N LEU B 262 -13.97 -10.54 -6.27
CA LEU B 262 -15.39 -10.67 -5.99
C LEU B 262 -16.28 -10.25 -7.16
N LYS B 263 -15.67 -9.75 -8.24
CA LYS B 263 -16.39 -9.30 -9.42
C LYS B 263 -17.32 -8.15 -9.04
N LYS B 264 -16.83 -7.22 -8.24
CA LYS B 264 -17.63 -6.09 -7.80
C LYS B 264 -16.93 -4.76 -7.95
N GLU B 265 -15.99 -4.68 -8.89
CA GLU B 265 -15.23 -3.44 -9.11
C GLU B 265 -16.15 -2.28 -9.35
N ARG B 266 -17.29 -2.57 -9.92
CA ARG B 266 -18.27 -1.54 -10.26
C ARG B 266 -18.78 -0.78 -9.03
N SER B 267 -18.65 -1.36 -7.84
CA SER B 267 -19.06 -0.70 -6.61
C SER B 267 -18.25 0.60 -6.42
N LEU B 268 -17.08 0.70 -7.03
CA LEU B 268 -16.25 1.88 -6.86
C LEU B 268 -16.46 2.92 -7.94
N ASN B 269 -16.05 4.15 -7.68
CA ASN B 269 -16.08 5.19 -8.68
C ASN B 269 -14.72 4.97 -9.39
N LEU B 270 -14.72 4.15 -10.43
CA LEU B 270 -13.50 3.84 -11.15
C LEU B 270 -12.83 5.04 -11.83
N LYS B 271 -13.61 6.04 -12.20
CA LYS B 271 -13.04 7.21 -12.84
C LYS B 271 -12.16 8.00 -11.86
N SER B 272 -12.67 8.27 -10.66
CA SER B 272 -11.90 9.02 -9.68
C SER B 272 -10.71 8.21 -9.19
N LEU B 273 -10.87 6.88 -9.17
CA LEU B 273 -9.77 6.00 -8.76
C LEU B 273 -8.64 6.09 -9.78
N LEU B 274 -8.97 5.93 -11.06
CA LEU B 274 -7.99 6.01 -12.13
C LEU B 274 -7.28 7.36 -12.11
N GLN B 275 -8.03 8.44 -11.86
CA GLN B 275 -7.40 9.75 -11.83
C GLN B 275 -6.42 9.88 -10.67
N TRP B 276 -6.78 9.28 -9.54
CA TRP B 276 -5.92 9.34 -8.37
C TRP B 276 -4.63 8.53 -8.54
N VAL B 277 -4.74 7.27 -8.95
CA VAL B 277 -3.54 6.48 -9.13
C VAL B 277 -2.57 7.06 -10.17
N THR B 278 -3.07 7.50 -11.32
CA THR B 278 -2.20 8.06 -12.35
C THR B 278 -1.46 9.29 -11.85
N SER B 279 -2.07 10.02 -10.90
CA SER B 279 -1.44 11.21 -10.32
C SER B 279 -0.35 10.86 -9.30
N ARG B 280 -0.29 9.58 -8.90
CA ARG B 280 0.70 9.14 -7.93
C ARG B 280 2.08 8.90 -8.54
N GLN B 281 2.16 8.92 -9.87
CA GLN B 281 3.45 8.74 -10.53
C GLN B 281 4.17 10.08 -10.48
N MET B 282 5.40 10.06 -9.96
CA MET B 282 6.20 11.27 -9.81
C MET B 282 6.74 11.76 -11.15
N ARG B 283 6.44 13.02 -11.50
CA ARG B 283 6.86 13.60 -12.78
C ARG B 283 8.37 13.63 -12.97
N PHE B 284 9.11 13.86 -11.89
CA PHE B 284 10.54 13.89 -12.03
C PHE B 284 11.17 12.50 -11.86
N GLU B 285 10.96 11.88 -10.71
CA GLU B 285 11.52 10.57 -10.42
C GLU B 285 11.06 9.46 -11.34
N GLY B 286 9.79 9.48 -11.74
CA GLY B 286 9.28 8.43 -12.63
C GLY B 286 8.64 7.26 -11.88
N GLY B 287 8.97 7.10 -10.61
CA GLY B 287 8.37 6.05 -9.82
C GLY B 287 7.09 6.58 -9.18
N PHE B 288 6.43 5.76 -8.36
CA PHE B 288 5.18 6.18 -7.70
C PHE B 288 5.37 6.50 -6.24
N GLN B 289 4.52 7.39 -5.73
CA GLN B 289 4.52 7.74 -4.32
C GLN B 289 3.33 6.94 -3.76
N GLY B 290 3.26 6.76 -2.45
CA GLY B 290 2.18 5.96 -1.88
C GLY B 290 0.90 6.75 -1.63
N ARG B 291 1.05 8.04 -1.44
CA ARG B 291 -0.06 8.93 -1.19
C ARG B 291 0.40 10.34 -1.56
N CYS B 292 -0.56 11.19 -1.88
CA CYS B 292 -0.30 12.54 -2.31
C CYS B 292 0.57 13.33 -1.34
N ASN B 293 1.57 14.02 -1.90
CA ASN B 293 2.51 14.85 -1.15
C ASN B 293 3.55 14.10 -0.29
N LYS B 294 3.72 12.80 -0.56
CA LYS B 294 4.74 12.03 0.14
C LYS B 294 5.85 11.62 -0.89
N LEU B 295 6.80 10.79 -0.46
CA LEU B 295 7.92 10.44 -1.34
C LEU B 295 7.76 9.21 -2.21
N VAL B 296 8.53 9.19 -3.28
CA VAL B 296 8.58 8.11 -4.25
C VAL B 296 9.14 6.89 -3.51
N ASP B 297 8.75 5.68 -3.92
CA ASP B 297 9.23 4.46 -3.30
C ASP B 297 9.07 3.30 -4.29
N GLY B 298 10.16 2.56 -4.47
CA GLY B 298 10.16 1.44 -5.38
C GLY B 298 9.09 0.39 -5.17
N CYS B 299 8.63 0.13 -3.95
CA CYS B 299 7.59 -0.91 -3.77
C CYS B 299 6.25 -0.52 -4.38
N TYR B 300 6.01 0.79 -4.54
CA TYR B 300 4.76 1.26 -5.14
C TYR B 300 4.75 1.02 -6.64
N SER B 301 5.88 0.54 -7.17
CA SER B 301 5.98 0.20 -8.58
C SER B 301 4.96 -0.92 -8.76
N PHE B 302 4.66 -1.64 -7.67
CA PHE B 302 3.66 -2.67 -7.75
C PHE B 302 2.30 -2.20 -7.18
N TRP B 303 2.26 -1.83 -5.90
CA TRP B 303 1.00 -1.42 -5.30
C TRP B 303 0.24 -0.38 -6.11
N GLN B 304 0.94 0.66 -6.59
CA GLN B 304 0.29 1.70 -7.39
C GLN B 304 0.14 1.30 -8.86
N ALA B 305 1.25 1.07 -9.55
CA ALA B 305 1.19 0.72 -10.96
C ALA B 305 0.38 -0.52 -11.25
N GLY B 306 0.31 -1.45 -10.29
CA GLY B 306 -0.45 -2.68 -10.47
C GLY B 306 -1.95 -2.45 -10.60
N LEU B 307 -2.39 -1.26 -10.19
CA LEU B 307 -3.79 -0.89 -10.29
C LEU B 307 -4.21 -0.67 -11.73
N LEU B 308 -3.27 -0.23 -12.57
CA LEU B 308 -3.60 0.02 -13.97
C LEU B 308 -4.07 -1.20 -14.73
N PRO B 309 -3.39 -2.34 -14.57
CA PRO B 309 -3.86 -3.55 -15.28
C PRO B 309 -5.27 -3.91 -14.79
N LEU B 310 -5.52 -3.71 -13.49
CA LEU B 310 -6.82 -4.01 -12.89
C LEU B 310 -7.88 -3.07 -13.43
N LEU B 311 -7.55 -1.78 -13.51
CA LEU B 311 -8.46 -0.76 -14.00
C LEU B 311 -8.73 -1.00 -15.47
N HIS B 312 -7.71 -1.38 -16.21
CA HIS B 312 -7.85 -1.63 -17.64
C HIS B 312 -8.86 -2.75 -17.85
N ARG B 313 -8.69 -3.86 -17.14
CA ARG B 313 -9.58 -5.01 -17.23
C ARG B 313 -11.01 -4.63 -16.85
N ALA B 314 -11.16 -3.85 -15.78
CA ALA B 314 -12.49 -3.44 -15.33
C ALA B 314 -13.18 -2.54 -16.34
N LEU B 315 -12.46 -1.51 -16.80
CA LEU B 315 -13.02 -0.57 -17.76
C LEU B 315 -13.34 -1.28 -19.08
N HIS B 316 -12.46 -2.18 -19.49
CA HIS B 316 -12.67 -2.93 -20.72
C HIS B 316 -13.88 -3.85 -20.61
N ALA B 317 -14.12 -4.40 -19.42
CA ALA B 317 -15.25 -5.29 -19.20
C ALA B 317 -16.55 -4.50 -19.34
N GLN B 318 -16.46 -3.18 -19.20
CA GLN B 318 -17.62 -2.31 -19.36
C GLN B 318 -17.67 -1.85 -20.80
N GLY B 319 -16.82 -2.43 -21.65
CA GLY B 319 -16.77 -2.07 -23.05
C GLY B 319 -16.23 -0.68 -23.34
N ASP B 320 -15.40 -0.14 -22.46
CA ASP B 320 -14.82 1.19 -22.67
C ASP B 320 -14.06 1.13 -24.00
N PRO B 321 -14.48 1.92 -24.99
CA PRO B 321 -13.84 1.94 -26.31
C PRO B 321 -12.56 2.79 -26.43
N ALA B 322 -12.37 3.75 -25.53
CA ALA B 322 -11.19 4.61 -25.59
C ALA B 322 -9.90 4.00 -25.05
N LEU B 323 -9.99 2.80 -24.47
CA LEU B 323 -8.83 2.10 -23.90
C LEU B 323 -7.72 1.75 -24.88
N SER B 324 -6.49 2.12 -24.55
CA SER B 324 -5.34 1.80 -25.40
C SER B 324 -5.23 0.30 -25.58
N MET B 325 -4.68 -0.11 -26.71
CA MET B 325 -4.49 -1.53 -26.99
C MET B 325 -3.04 -1.95 -26.93
N SER B 326 -2.18 -1.07 -26.41
CA SER B 326 -0.77 -1.41 -26.31
C SER B 326 -0.06 -0.96 -25.02
N HIS B 327 -0.70 -0.11 -24.23
CA HIS B 327 -0.07 0.39 -23.01
C HIS B 327 -1.03 0.54 -21.84
N TRP B 328 -0.45 0.53 -20.64
CA TRP B 328 -1.22 0.74 -19.41
C TRP B 328 -1.30 2.25 -19.26
N MET B 329 -2.22 2.74 -18.43
CA MET B 329 -2.33 4.18 -18.29
C MET B 329 -1.34 4.86 -17.36
N PHE B 330 -0.07 4.52 -17.55
CA PHE B 330 1.02 5.12 -16.78
C PHE B 330 2.27 5.13 -17.66
N HIS B 331 3.26 5.93 -17.31
CA HIS B 331 4.48 6.00 -18.09
C HIS B 331 5.35 4.76 -17.78
N GLN B 332 5.16 3.70 -18.56
CA GLN B 332 5.91 2.44 -18.38
C GLN B 332 7.42 2.64 -18.47
N GLN B 333 7.83 3.42 -19.45
CA GLN B 333 9.25 3.70 -19.66
C GLN B 333 9.87 4.38 -18.44
N ALA B 334 9.25 5.45 -17.96
CA ALA B 334 9.77 6.19 -16.81
C ALA B 334 9.86 5.34 -15.54
N LEU B 335 8.88 4.46 -15.32
CA LEU B 335 8.92 3.61 -14.15
C LEU B 335 10.12 2.68 -14.27
N GLN B 336 10.28 2.01 -15.43
CA GLN B 336 11.41 1.12 -15.65
C GLN B 336 12.75 1.86 -15.44
N GLU B 337 12.82 3.08 -15.92
CA GLU B 337 14.03 3.87 -15.74
C GLU B 337 14.31 4.09 -14.28
N TYR B 338 13.27 4.46 -13.52
CA TYR B 338 13.42 4.69 -12.09
C TYR B 338 13.93 3.43 -11.37
N ILE B 339 13.29 2.31 -11.63
CA ILE B 339 13.65 1.06 -10.98
C ILE B 339 15.08 0.64 -11.31
N LEU B 340 15.37 0.55 -12.61
CA LEU B 340 16.69 0.11 -13.06
C LEU B 340 17.83 1.01 -12.65
N MET B 341 17.65 2.32 -12.76
CA MET B 341 18.72 3.25 -12.38
C MET B 341 18.82 3.63 -10.91
N CYS B 342 17.70 3.63 -10.20
CA CYS B 342 17.69 4.06 -8.79
C CYS B 342 17.39 3.04 -7.70
N CYS B 343 16.81 1.90 -8.06
CA CYS B 343 16.43 0.93 -7.06
C CYS B 343 17.21 -0.37 -6.96
N GLN B 344 18.35 -0.45 -7.63
CA GLN B 344 19.14 -1.68 -7.56
C GLN B 344 20.31 -1.55 -6.64
N CYS B 345 20.54 -2.55 -5.81
CA CYS B 345 21.70 -2.54 -4.95
C CYS B 345 22.79 -3.26 -5.77
N PRO B 346 24.00 -2.68 -5.83
CA PRO B 346 25.13 -3.27 -6.59
C PRO B 346 25.42 -4.70 -6.14
N ALA B 347 25.31 -4.95 -4.84
CA ALA B 347 25.54 -6.26 -4.25
C ALA B 347 24.37 -7.25 -4.45
N GLY B 348 23.27 -6.78 -5.01
CA GLY B 348 22.10 -7.65 -5.20
C GLY B 348 20.95 -7.12 -4.38
N GLY B 349 19.72 -7.43 -4.78
CA GLY B 349 18.57 -6.94 -4.07
C GLY B 349 18.16 -5.57 -4.56
N LEU B 350 16.89 -5.22 -4.35
CA LEU B 350 16.38 -3.92 -4.76
C LEU B 350 15.93 -3.08 -3.56
N LEU B 351 15.66 -1.80 -3.80
CA LEU B 351 15.30 -0.93 -2.72
C LEU B 351 14.23 0.12 -2.97
N ASP B 352 13.88 0.81 -1.90
CA ASP B 352 12.87 1.86 -1.87
C ASP B 352 13.35 3.02 -2.74
N LYS B 353 14.50 3.60 -2.42
CA LYS B 353 15.06 4.71 -3.18
C LYS B 353 16.55 4.79 -2.85
N PRO B 354 17.33 5.55 -3.63
CA PRO B 354 18.77 5.67 -3.37
C PRO B 354 19.03 6.13 -1.94
N GLY B 355 19.90 5.42 -1.23
CA GLY B 355 20.17 5.78 0.15
C GLY B 355 19.55 4.80 1.11
N LYS B 356 18.55 4.05 0.64
CA LYS B 356 17.89 3.06 1.47
C LYS B 356 18.57 1.73 1.24
N SER B 357 18.55 0.86 2.26
CA SER B 357 19.15 -0.45 2.16
C SER B 357 18.16 -1.44 1.53
N ARG B 358 18.71 -2.40 0.81
CA ARG B 358 17.92 -3.42 0.14
C ARG B 358 17.21 -4.28 1.17
N ASP B 359 16.18 -5.00 0.72
CA ASP B 359 15.48 -5.92 1.59
C ASP B 359 14.62 -6.77 0.70
N PHE B 360 14.24 -7.96 1.16
CA PHE B 360 13.44 -8.83 0.32
C PHE B 360 12.07 -8.29 -0.10
N TYR B 361 11.45 -7.46 0.73
CA TYR B 361 10.16 -6.88 0.40
C TYR B 361 10.28 -6.01 -0.86
N HIS B 362 11.24 -5.10 -0.88
CA HIS B 362 11.43 -4.22 -2.02
C HIS B 362 11.98 -4.96 -3.22
N THR B 363 12.65 -6.08 -2.98
CA THR B 363 13.18 -6.88 -4.08
C THR B 363 11.98 -7.51 -4.80
N CYS B 364 11.04 -8.04 -4.01
CA CYS B 364 9.85 -8.66 -4.57
C CYS B 364 9.02 -7.63 -5.35
N TYR B 365 8.76 -6.49 -4.72
CA TYR B 365 7.91 -5.47 -5.34
C TYR B 365 8.48 -4.61 -6.44
N CYS B 366 9.77 -4.31 -6.39
CA CYS B 366 10.37 -3.53 -7.46
C CYS B 366 10.35 -4.38 -8.74
N LEU B 367 10.63 -5.67 -8.58
CA LEU B 367 10.63 -6.59 -9.72
C LEU B 367 9.24 -6.82 -10.25
N SER B 368 8.26 -7.01 -9.36
CA SER B 368 6.88 -7.22 -9.76
C SER B 368 6.44 -6.00 -10.57
N GLY B 369 6.82 -4.82 -10.09
CA GLY B 369 6.48 -3.58 -10.78
C GLY B 369 7.17 -3.50 -12.13
N LEU B 370 8.45 -3.86 -12.18
CA LEU B 370 9.17 -3.83 -13.45
C LEU B 370 8.47 -4.71 -14.49
N SER B 371 8.10 -5.92 -14.09
CA SER B 371 7.41 -6.86 -14.97
C SER B 371 6.11 -6.25 -15.51
N ILE B 372 5.31 -5.67 -14.62
CA ILE B 372 4.06 -5.05 -15.04
C ILE B 372 4.31 -3.95 -16.08
N ALA B 373 5.32 -3.13 -15.85
CA ALA B 373 5.69 -2.03 -16.75
C ALA B 373 6.22 -2.51 -18.11
N GLN B 374 6.78 -3.72 -18.13
CA GLN B 374 7.31 -4.30 -19.35
C GLN B 374 6.23 -5.01 -20.16
N HIS B 375 5.21 -5.56 -19.49
CA HIS B 375 4.20 -6.33 -20.20
C HIS B 375 2.78 -5.81 -20.19
N PHE B 376 2.25 -5.56 -21.39
CA PHE B 376 0.88 -5.14 -21.56
C PHE B 376 0.17 -6.33 -22.20
N GLY B 377 -1.01 -6.67 -21.71
CA GLY B 377 -1.74 -7.78 -22.26
C GLY B 377 -3.22 -7.61 -22.02
N SER B 378 -3.99 -7.41 -23.10
CA SER B 378 -5.44 -7.24 -23.04
C SER B 378 -6.11 -8.31 -23.90
N GLY B 379 -6.05 -9.56 -23.42
CA GLY B 379 -6.64 -10.67 -24.15
C GLY B 379 -5.74 -11.12 -25.27
N ALA B 380 -6.19 -10.94 -26.51
CA ALA B 380 -5.44 -11.33 -27.70
C ALA B 380 -4.25 -10.39 -27.99
N MET B 381 -4.43 -9.11 -27.67
CA MET B 381 -3.42 -8.08 -27.88
C MET B 381 -2.30 -8.24 -26.86
N LEU B 382 -1.05 -8.09 -27.28
CA LEU B 382 0.10 -8.20 -26.39
C LEU B 382 1.20 -7.23 -26.84
N HIS B 383 1.71 -6.43 -25.92
CA HIS B 383 2.78 -5.51 -26.29
C HIS B 383 3.75 -5.23 -25.14
N ASP B 384 5.04 -5.51 -25.39
CA ASP B 384 6.10 -5.30 -24.40
C ASP B 384 6.94 -4.06 -24.64
N VAL B 385 7.51 -3.53 -23.55
CA VAL B 385 8.39 -2.37 -23.58
C VAL B 385 9.49 -2.78 -22.61
N VAL B 386 10.66 -3.12 -23.14
CA VAL B 386 11.78 -3.53 -22.32
C VAL B 386 12.90 -2.49 -22.41
N MET B 387 12.99 -1.62 -21.42
CA MET B 387 14.05 -0.60 -21.39
C MET B 387 15.39 -1.27 -21.08
N GLY B 388 16.47 -0.69 -21.62
CA GLY B 388 17.80 -1.23 -21.41
C GLY B 388 18.04 -2.49 -22.22
N VAL B 389 19.03 -3.28 -21.82
CA VAL B 389 19.36 -4.50 -22.52
C VAL B 389 18.16 -5.46 -22.52
N PRO B 390 17.95 -6.17 -23.62
CA PRO B 390 16.84 -7.12 -23.74
C PRO B 390 16.79 -8.25 -22.70
N GLU B 391 17.92 -8.56 -22.07
CA GLU B 391 17.96 -9.62 -21.05
C GLU B 391 17.20 -9.18 -19.79
N ASN B 392 16.89 -7.88 -19.74
CA ASN B 392 16.14 -7.28 -18.64
C ASN B 392 14.70 -7.80 -18.52
N VAL B 393 14.17 -8.43 -19.57
CA VAL B 393 12.80 -8.93 -19.55
C VAL B 393 12.52 -10.01 -18.50
N LEU B 394 11.50 -9.79 -17.69
CA LEU B 394 11.13 -10.72 -16.63
C LEU B 394 9.90 -11.52 -17.04
N GLN B 395 9.57 -12.50 -16.24
CA GLN B 395 8.37 -13.31 -16.48
C GLN B 395 7.19 -12.43 -16.03
N PRO B 396 6.02 -12.58 -16.65
CA PRO B 396 4.84 -11.78 -16.29
C PRO B 396 4.25 -12.12 -14.91
N THR B 397 3.52 -11.19 -14.32
CA THR B 397 2.91 -11.44 -13.02
C THR B 397 1.41 -11.17 -13.13
N HIS B 398 0.61 -11.92 -12.38
CA HIS B 398 -0.84 -11.74 -12.39
C HIS B 398 -1.13 -10.49 -11.54
N PRO B 399 -1.79 -9.46 -12.11
CA PRO B 399 -2.10 -8.23 -11.36
C PRO B 399 -2.97 -8.34 -10.11
N VAL B 400 -3.67 -9.45 -9.93
CA VAL B 400 -4.50 -9.64 -8.75
C VAL B 400 -3.78 -10.34 -7.59
N TYR B 401 -3.11 -11.45 -7.89
CA TYR B 401 -2.40 -12.27 -6.90
C TYR B 401 -0.90 -12.04 -6.74
N ASN B 402 -0.30 -11.38 -7.73
CA ASN B 402 1.12 -11.13 -7.80
C ASN B 402 1.96 -12.41 -7.75
N ILE B 403 1.53 -13.38 -8.55
CA ILE B 403 2.23 -14.64 -8.75
C ILE B 403 2.07 -14.86 -10.25
N GLY B 404 2.86 -15.77 -10.84
CA GLY B 404 2.78 -16.03 -12.27
C GLY B 404 1.38 -16.41 -12.71
N PRO B 405 0.88 -15.84 -13.83
CA PRO B 405 -0.46 -16.11 -14.36
C PRO B 405 -0.69 -17.61 -14.53
N ASP B 406 0.37 -18.33 -14.88
CA ASP B 406 0.31 -19.77 -15.06
C ASP B 406 0.09 -20.47 -13.72
N LYS B 407 0.70 -19.95 -12.66
CA LYS B 407 0.56 -20.54 -11.33
C LYS B 407 -0.86 -20.36 -10.84
N VAL B 408 -1.43 -19.19 -11.16
CA VAL B 408 -2.81 -18.85 -10.78
C VAL B 408 -3.74 -19.86 -11.45
N ILE B 409 -3.65 -19.96 -12.78
CA ILE B 409 -4.49 -20.88 -13.55
C ILE B 409 -4.32 -22.30 -13.04
N GLN B 410 -3.07 -22.72 -12.87
CA GLN B 410 -2.79 -24.06 -12.39
C GLN B 410 -3.45 -24.34 -11.05
N ALA B 411 -3.24 -23.46 -10.09
CA ALA B 411 -3.81 -23.61 -8.75
C ALA B 411 -5.34 -23.64 -8.75
N THR B 412 -5.98 -22.63 -9.35
CA THR B 412 -7.45 -22.58 -9.35
C THR B 412 -8.03 -23.86 -9.95
N THR B 413 -7.48 -24.27 -11.10
CA THR B 413 -7.91 -25.48 -11.78
C THR B 413 -7.81 -26.69 -10.87
N HIS B 414 -6.67 -26.83 -10.18
CA HIS B 414 -6.51 -27.97 -9.29
C HIS B 414 -7.52 -27.95 -8.13
N PHE B 415 -7.73 -26.77 -7.54
CA PHE B 415 -8.64 -26.66 -6.43
C PHE B 415 -10.10 -26.74 -6.81
N LEU B 416 -10.38 -26.53 -8.10
CA LEU B 416 -11.77 -26.63 -8.55
C LEU B 416 -12.19 -28.10 -8.63
N GLN B 417 -11.24 -29.02 -8.52
CA GLN B 417 -11.51 -30.45 -8.56
C GLN B 417 -12.10 -30.85 -7.21
N LYS B 418 -11.67 -30.16 -6.18
CA LYS B 418 -12.14 -30.40 -4.83
C LYS B 418 -13.47 -29.65 -4.67
N PRO B 419 -14.33 -30.10 -3.76
CA PRO B 419 -15.59 -29.36 -3.60
C PRO B 419 -15.45 -28.31 -2.47
N VAL B 420 -16.19 -27.21 -2.59
CA VAL B 420 -16.16 -26.17 -1.57
C VAL B 420 -16.52 -26.83 -0.23
N PRO B 421 -15.64 -26.74 0.79
CA PRO B 421 -15.86 -27.34 2.11
C PRO B 421 -17.31 -27.25 2.60
N GLY B 422 -17.84 -28.37 3.05
CA GLY B 422 -19.22 -28.43 3.50
C GLY B 422 -20.02 -29.06 2.37
N PHE B 423 -19.78 -28.52 1.18
CA PHE B 423 -20.35 -28.90 -0.13
C PHE B 423 -21.02 -27.70 -0.81
N THR C 1 15.61 2.07 7.15
CA THR C 1 14.13 2.16 7.38
C THR C 1 13.46 1.00 6.65
N LYS C 2 12.28 0.59 7.11
CA LYS C 2 11.53 -0.49 6.49
C LYS C 2 10.08 -0.07 6.26
N CYS C 3 9.42 -0.68 5.28
CA CYS C 3 8.01 -0.40 4.99
C CYS C 3 7.19 -1.41 5.78
N VAL C 4 6.21 -0.92 6.54
CA VAL C 4 5.36 -1.84 7.30
C VAL C 4 4.17 -2.22 6.43
N PHE C 5 3.76 -3.49 6.53
CA PHE C 5 2.65 -4.02 5.77
C PHE C 5 1.83 -4.94 6.68
N MET C 6 2.36 -5.22 7.87
CA MET C 6 1.68 -6.07 8.87
C MET C 6 2.35 -5.92 10.25
#